data_4AZE
#
_entry.id   4AZE
#
_cell.length_a   111.649
_cell.length_b   111.649
_cell.length_c   301.725
_cell.angle_alpha   90.00
_cell.angle_beta   90.00
_cell.angle_gamma   120.00
#
_symmetry.space_group_name_H-M   'P 31 1 2'
#
loop_
_entity.id
_entity.type
_entity.pdbx_description
1 polymer 'DUAL SPECIFICITY TYROSINE-PHOSPHORYLATION-REGULATED KINASE 1A'
2 polymer 'DUAL SPECIFICITY TYROSINE-PHOSPHORYLATION-REGULATED KINASE 1A'
3 non-polymer 5-(1,3-benzodioxol-5-ylmethyl)-2-(phenylamino)-4H-imidazol-4-one
#
loop_
_entity_poly.entity_id
_entity_poly.type
_entity_poly.pdbx_seq_one_letter_code
_entity_poly.pdbx_strand_id
1 'polypeptide(L)'
;MHHHHHHSSGVDLGTENLYFQSMSSHKKERKVYNDGYDDDNYDYIVKNGEKWMDRYEIDSLIGKGSFGQVVKAYDRVEQE
WVAIKIIKNKKAFLNQAQIEVRLLELMNKHDTEMKYYIVHLKRHFMFRNHLCLVFEMLSYNLYDLLRNTNFRGVSLNLTR
KFAQQMCTALLFLATPELSIIHCDLKPENILLCNPKR(SEP)AIKIVDFGSSCQLGQRIYQ(PTR)IQSRFYRSPEVLLG
MPYDLAIDMWSLGCILVEMHTGEPLFSGANEVDQMNKIVEVLGIPPAHILDQAPKARKFFEKLPDGTWNLKKTKDGKREY
KPPGTRKLHNILGVETGGPGGRRAGESGHTVADYLKFKDLILRMLDYDPKTRIQPYYALQHSFFKKTADE
;
A,B,C
2 'polypeptide(L)' (UNK)(SEP)(UNK)(UNK) E,F,G
#
loop_
_chem_comp.id
_chem_comp.type
_chem_comp.name
_chem_comp.formula
3RA non-polymer 5-(1,3-benzodioxol-5-ylmethyl)-2-(phenylamino)-4H-imidazol-4-one 'C17 H13 N3 O3'
#
# COMPACT_ATOMS: atom_id res chain seq x y z
N GLU A 29 -6.96 -3.75 5.74
CA GLU A 29 -8.24 -4.46 5.32
C GLU A 29 -8.44 -5.78 6.13
N ARG A 30 -9.29 -5.74 7.15
CA ARG A 30 -9.85 -6.96 7.76
C ARG A 30 -11.33 -6.77 8.02
N LYS A 31 -12.03 -6.68 6.89
CA LYS A 31 -13.48 -6.61 6.82
C LYS A 31 -14.02 -7.97 7.23
N VAL A 32 -15.28 -7.97 7.63
CA VAL A 32 -16.01 -9.21 7.90
C VAL A 32 -16.94 -9.49 6.72
N TYR A 33 -16.79 -10.67 6.11
CA TYR A 33 -17.48 -11.01 4.86
C TYR A 33 -18.65 -11.96 5.12
N ASN A 34 -19.86 -11.53 4.77
CA ASN A 34 -21.06 -12.35 4.86
C ASN A 34 -21.37 -12.75 6.33
N ASP A 35 -21.44 -11.74 7.21
CA ASP A 35 -21.62 -11.95 8.67
C ASP A 35 -20.62 -12.96 9.24
N GLY A 36 -19.39 -12.93 8.70
CA GLY A 36 -18.31 -13.81 9.17
C GLY A 36 -18.30 -15.21 8.59
N TYR A 37 -19.27 -15.52 7.71
CA TYR A 37 -19.35 -16.85 7.10
C TYR A 37 -18.30 -17.10 6.00
N ASP A 38 -17.94 -16.06 5.24
CA ASP A 38 -17.03 -16.19 4.12
C ASP A 38 -15.67 -15.62 4.41
N ASP A 39 -14.67 -16.08 3.65
CA ASP A 39 -13.34 -15.51 3.68
C ASP A 39 -13.22 -14.37 2.67
N ASP A 40 -12.00 -13.93 2.38
CA ASP A 40 -11.79 -12.81 1.46
C ASP A 40 -11.79 -13.18 -0.03
N ASN A 41 -11.88 -14.48 -0.34
CA ASN A 41 -11.96 -14.95 -1.72
C ASN A 41 -13.38 -15.45 -2.04
N TYR A 42 -14.37 -14.92 -1.32
CA TYR A 42 -15.78 -15.32 -1.47
C TYR A 42 -16.11 -16.78 -1.15
N ASP A 43 -15.18 -17.53 -0.59
CA ASP A 43 -15.43 -18.93 -0.24
C ASP A 43 -16.10 -19.00 1.14
N TYR A 44 -16.97 -19.97 1.35
CA TYR A 44 -17.58 -20.17 2.65
C TYR A 44 -16.53 -20.81 3.56
N ILE A 45 -16.31 -20.24 4.74
CA ILE A 45 -15.27 -20.76 5.62
C ILE A 45 -15.74 -22.07 6.22
N VAL A 46 -15.30 -23.19 5.64
CA VAL A 46 -15.72 -24.54 6.08
C VAL A 46 -15.34 -24.83 7.52
N LYS A 47 -16.29 -25.35 8.27
CA LYS A 47 -16.06 -25.75 9.68
C LYS A 47 -16.52 -27.20 9.80
N ASN A 48 -15.63 -28.06 10.28
CA ASN A 48 -15.92 -29.48 10.39
C ASN A 48 -16.80 -29.67 11.60
N GLY A 49 -17.88 -30.42 11.45
CA GLY A 49 -18.82 -30.68 12.54
C GLY A 49 -20.14 -29.94 12.35
N GLU A 50 -20.09 -28.81 11.66
CA GLU A 50 -21.27 -28.00 11.44
C GLU A 50 -22.37 -28.84 10.83
N LYS A 51 -23.60 -28.64 11.32
CA LYS A 51 -24.77 -29.32 10.78
C LYS A 51 -25.63 -28.24 10.12
N TRP A 52 -25.87 -28.38 8.82
CA TRP A 52 -26.78 -27.46 8.15
C TRP A 52 -28.17 -27.97 8.08
N MET A 53 -29.13 -27.06 8.29
CA MET A 53 -30.54 -27.29 7.97
C MET A 53 -31.04 -28.59 8.60
N ASP A 54 -30.56 -28.82 9.82
CA ASP A 54 -30.83 -30.05 10.55
C ASP A 54 -30.76 -31.31 9.68
N ARG A 55 -29.82 -31.32 8.74
CA ARG A 55 -29.73 -32.39 7.77
C ARG A 55 -28.29 -32.78 7.44
N TYR A 56 -27.54 -31.90 6.79
CA TYR A 56 -26.20 -32.27 6.33
C TYR A 56 -25.18 -31.98 7.43
N GLU A 57 -24.40 -32.99 7.78
CA GLU A 57 -23.34 -32.87 8.78
C GLU A 57 -22.00 -32.81 8.04
N ILE A 58 -21.36 -31.66 8.07
CA ILE A 58 -20.13 -31.45 7.29
C ILE A 58 -18.93 -32.14 7.94
N ASP A 59 -18.34 -33.08 7.22
CA ASP A 59 -17.22 -33.85 7.74
C ASP A 59 -15.92 -33.12 7.54
N SER A 60 -15.60 -32.83 6.28
CA SER A 60 -14.30 -32.25 5.92
C SER A 60 -14.30 -31.60 4.54
N LEU A 61 -13.32 -30.73 4.33
CA LEU A 61 -13.03 -30.22 2.98
C LEU A 61 -12.38 -31.33 2.17
N ILE A 62 -12.87 -31.59 0.96
CA ILE A 62 -12.23 -32.58 0.09
C ILE A 62 -11.48 -31.93 -1.04
N GLY A 63 -11.92 -30.76 -1.49
CA GLY A 63 -11.19 -30.03 -2.53
C GLY A 63 -11.56 -28.57 -2.76
N LYS A 64 -10.59 -27.80 -3.25
CA LYS A 64 -10.80 -26.40 -3.65
C LYS A 64 -10.87 -26.34 -5.17
N GLY A 65 -11.00 -25.13 -5.70
CA GLY A 65 -11.09 -24.91 -7.15
C GLY A 65 -11.68 -23.54 -7.45
N SER A 66 -11.48 -23.07 -8.67
CA SER A 66 -11.89 -21.72 -9.05
C SER A 66 -13.35 -21.46 -8.74
N PHE A 67 -14.17 -22.47 -9.02
CA PHE A 67 -15.61 -22.46 -8.69
C PHE A 67 -15.91 -22.28 -7.22
N GLY A 68 -15.08 -22.84 -6.35
CA GLY A 68 -15.32 -22.76 -4.91
C GLY A 68 -14.67 -23.90 -4.14
N GLN A 69 -15.48 -24.68 -3.44
CA GLN A 69 -14.98 -25.81 -2.66
C GLN A 69 -15.90 -27.01 -2.78
N VAL A 70 -15.41 -28.16 -2.40
CA VAL A 70 -16.25 -29.31 -2.23
C VAL A 70 -15.97 -29.93 -0.89
N VAL A 71 -17.04 -30.28 -0.17
CA VAL A 71 -16.97 -30.82 1.18
C VAL A 71 -17.64 -32.21 1.23
N LYS A 72 -17.09 -33.08 2.08
CA LYS A 72 -17.69 -34.36 2.40
C LYS A 72 -18.71 -34.13 3.49
N ALA A 73 -19.95 -34.53 3.28
CA ALA A 73 -20.99 -34.34 4.27
C ALA A 73 -21.91 -35.54 4.33
N TYR A 74 -22.43 -35.81 5.52
CA TYR A 74 -23.39 -36.90 5.75
C TYR A 74 -24.83 -36.36 5.78
N ASP A 75 -25.67 -36.92 4.93
CA ASP A 75 -27.05 -36.48 4.80
C ASP A 75 -27.93 -37.36 5.71
N ARG A 76 -28.16 -36.88 6.92
CA ARG A 76 -29.03 -37.55 7.89
C ARG A 76 -30.32 -38.07 7.29
N VAL A 77 -30.96 -37.26 6.46
CA VAL A 77 -32.30 -37.56 5.99
C VAL A 77 -32.30 -38.73 5.02
N GLU A 78 -31.33 -38.78 4.10
CA GLU A 78 -31.23 -39.91 3.17
C GLU A 78 -30.23 -40.96 3.65
N GLN A 79 -29.64 -40.75 4.84
CA GLN A 79 -28.74 -41.72 5.46
C GLN A 79 -27.63 -42.16 4.51
N GLU A 80 -26.86 -41.20 4.03
CA GLU A 80 -25.79 -41.49 3.07
C GLU A 80 -24.81 -40.32 3.00
N TRP A 81 -23.60 -40.63 2.54
CA TRP A 81 -22.63 -39.59 2.31
C TRP A 81 -22.94 -38.86 1.05
N VAL A 82 -22.70 -37.57 1.04
CA VAL A 82 -22.82 -36.80 -0.18
C VAL A 82 -21.60 -35.91 -0.28
N ALA A 83 -21.31 -35.44 -1.48
CA ALA A 83 -20.28 -34.45 -1.67
C ALA A 83 -20.98 -33.19 -2.08
N ILE A 84 -20.81 -32.10 -1.33
CA ILE A 84 -21.50 -30.85 -1.64
C ILE A 84 -20.51 -29.85 -2.16
N LYS A 85 -20.87 -29.20 -3.26
CA LYS A 85 -20.02 -28.22 -3.92
C LYS A 85 -20.55 -26.84 -3.56
N ILE A 86 -19.78 -26.10 -2.74
CA ILE A 86 -20.17 -24.78 -2.25
C ILE A 86 -19.60 -23.68 -3.14
N ILE A 87 -20.45 -23.17 -4.03
CA ILE A 87 -20.06 -22.14 -5.00
C ILE A 87 -19.68 -20.86 -4.30
N LYS A 88 -18.71 -20.14 -4.86
CA LYS A 88 -18.30 -18.86 -4.31
C LYS A 88 -19.52 -17.97 -4.21
N ASN A 89 -19.48 -17.03 -3.27
CA ASN A 89 -20.58 -16.07 -3.09
C ASN A 89 -20.30 -14.81 -3.91
N LYS A 90 -20.44 -14.93 -5.23
CA LYS A 90 -20.29 -13.80 -6.13
C LYS A 90 -21.12 -14.04 -7.40
N LYS A 91 -21.90 -13.05 -7.80
CA LYS A 91 -22.85 -13.17 -8.91
C LYS A 91 -22.25 -13.87 -10.12
N ALA A 92 -21.10 -13.38 -10.55
CA ALA A 92 -20.34 -13.99 -11.64
C ALA A 92 -20.33 -15.52 -11.53
N PHE A 93 -19.89 -16.02 -10.37
CA PHE A 93 -19.81 -17.45 -10.14
C PHE A 93 -21.16 -18.14 -10.02
N LEU A 94 -22.12 -17.44 -9.45
CA LEU A 94 -23.46 -18.01 -9.23
C LEU A 94 -24.13 -18.24 -10.55
N ASN A 95 -24.07 -17.23 -11.40
CA ASN A 95 -24.60 -17.29 -12.75
C ASN A 95 -24.07 -18.48 -13.52
N GLN A 96 -22.77 -18.76 -13.36
CA GLN A 96 -22.20 -19.90 -14.04
C GLN A 96 -22.80 -21.13 -13.44
N ALA A 97 -22.67 -21.27 -12.14
CA ALA A 97 -23.20 -22.44 -11.42
C ALA A 97 -24.64 -22.78 -11.83
N GLN A 98 -25.42 -21.78 -12.20
CA GLN A 98 -26.80 -22.04 -12.61
C GLN A 98 -26.84 -22.77 -13.94
N ILE A 99 -26.01 -22.34 -14.88
CA ILE A 99 -25.91 -23.03 -16.17
C ILE A 99 -25.51 -24.48 -15.90
N GLU A 100 -24.55 -24.67 -15.02
CA GLU A 100 -24.10 -25.99 -14.66
C GLU A 100 -25.30 -26.81 -14.20
N VAL A 101 -26.02 -26.32 -13.22
CA VAL A 101 -27.14 -27.07 -12.66
C VAL A 101 -28.10 -27.49 -13.77
N ARG A 102 -28.43 -26.55 -14.65
CA ARG A 102 -29.35 -26.79 -15.76
C ARG A 102 -28.89 -27.96 -16.63
N LEU A 103 -27.61 -27.96 -16.97
CA LEU A 103 -27.02 -29.02 -17.78
C LEU A 103 -27.01 -30.34 -17.01
N LEU A 104 -26.57 -30.31 -15.76
CA LEU A 104 -26.59 -31.50 -14.92
C LEU A 104 -27.99 -32.12 -14.89
N GLU A 105 -29.02 -31.27 -14.92
CA GLU A 105 -30.39 -31.76 -14.89
C GLU A 105 -30.87 -32.35 -16.24
N LEU A 106 -30.34 -31.86 -17.36
CA LEU A 106 -30.62 -32.50 -18.66
C LEU A 106 -29.96 -33.87 -18.76
N MET A 107 -28.74 -33.99 -18.25
CA MET A 107 -27.97 -35.21 -18.40
C MET A 107 -28.49 -36.29 -17.46
N ASN A 108 -28.77 -35.90 -16.23
CA ASN A 108 -29.31 -36.85 -15.27
C ASN A 108 -30.63 -37.45 -15.73
N LYS A 109 -31.49 -36.61 -16.30
CA LYS A 109 -32.81 -37.07 -16.71
C LYS A 109 -32.79 -37.87 -18.01
N HIS A 110 -31.73 -37.77 -18.80
CA HIS A 110 -31.75 -38.43 -20.11
C HIS A 110 -31.63 -39.93 -20.03
N ASP A 111 -32.14 -40.56 -21.07
CA ASP A 111 -32.75 -41.90 -20.99
C ASP A 111 -31.79 -43.10 -20.91
N THR A 112 -31.10 -43.41 -22.01
CA THR A 112 -30.31 -44.65 -22.13
C THR A 112 -29.21 -44.75 -21.06
N GLU A 113 -28.77 -45.98 -20.80
CA GLU A 113 -27.90 -46.31 -19.67
C GLU A 113 -26.53 -45.58 -19.66
N MET A 114 -26.22 -44.92 -20.77
CA MET A 114 -25.02 -44.09 -20.88
C MET A 114 -24.99 -42.93 -19.90
N LYS A 115 -26.14 -42.59 -19.31
CA LYS A 115 -26.26 -41.48 -18.33
C LYS A 115 -25.58 -41.73 -16.98
N TYR A 116 -25.05 -42.96 -16.79
CA TYR A 116 -24.26 -43.28 -15.60
C TYR A 116 -22.73 -43.21 -15.89
N TYR A 117 -22.32 -42.25 -16.72
CA TYR A 117 -20.94 -41.78 -16.76
C TYR A 117 -20.83 -40.31 -16.38
N ILE A 118 -21.98 -39.67 -16.15
CA ILE A 118 -22.04 -38.31 -15.66
C ILE A 118 -22.52 -38.33 -14.22
N VAL A 119 -21.87 -37.56 -13.37
CA VAL A 119 -22.16 -37.58 -11.95
C VAL A 119 -23.58 -37.12 -11.65
N HIS A 120 -24.19 -37.73 -10.64
CA HIS A 120 -25.57 -37.45 -10.33
C HIS A 120 -25.66 -36.28 -9.41
N LEU A 121 -26.31 -35.22 -9.89
CA LEU A 121 -26.68 -34.08 -9.07
C LEU A 121 -27.96 -34.44 -8.35
N LYS A 122 -27.84 -34.82 -7.09
CA LYS A 122 -28.99 -35.24 -6.29
C LYS A 122 -29.99 -34.09 -6.11
N ARG A 123 -29.50 -32.95 -5.63
CA ARG A 123 -30.33 -31.74 -5.46
C ARG A 123 -29.43 -30.54 -5.22
N HIS A 124 -30.02 -29.34 -5.20
CA HIS A 124 -29.27 -28.10 -4.98
C HIS A 124 -30.08 -27.08 -4.26
N PHE A 125 -29.41 -26.13 -3.62
CA PHE A 125 -30.10 -25.11 -2.82
C PHE A 125 -29.20 -23.93 -2.47
N MET A 126 -29.82 -22.84 -2.01
CA MET A 126 -29.09 -21.71 -1.47
C MET A 126 -28.90 -21.95 0.02
N PHE A 127 -27.71 -21.60 0.51
CA PHE A 127 -27.43 -21.61 1.94
C PHE A 127 -26.41 -20.53 2.28
N ARG A 128 -26.79 -19.60 3.15
CA ARG A 128 -25.88 -18.56 3.60
C ARG A 128 -25.26 -17.84 2.42
N ASN A 129 -26.11 -17.57 1.44
CA ASN A 129 -25.74 -16.88 0.20
C ASN A 129 -24.80 -17.66 -0.74
N HIS A 130 -24.64 -18.96 -0.49
CA HIS A 130 -23.91 -19.82 -1.40
C HIS A 130 -24.88 -20.75 -2.05
N LEU A 131 -24.81 -20.84 -3.38
CA LEU A 131 -25.48 -21.94 -4.07
C LEU A 131 -24.69 -23.19 -3.77
N CYS A 132 -25.40 -24.26 -3.46
CA CYS A 132 -24.79 -25.53 -3.11
C CYS A 132 -25.33 -26.66 -3.96
N LEU A 133 -24.43 -27.45 -4.57
CA LEU A 133 -24.84 -28.60 -5.38
C LEU A 133 -24.49 -29.90 -4.67
N VAL A 134 -25.52 -30.63 -4.28
CA VAL A 134 -25.35 -31.93 -3.62
C VAL A 134 -25.13 -33.02 -4.66
N PHE A 135 -23.99 -33.71 -4.57
CA PHE A 135 -23.66 -34.82 -5.48
C PHE A 135 -23.59 -36.13 -4.74
N GLU A 136 -23.83 -37.21 -5.45
CA GLU A 136 -23.45 -38.52 -4.97
C GLU A 136 -21.99 -38.48 -4.55
N MET A 137 -21.62 -39.15 -3.47
CA MET A 137 -20.22 -39.21 -3.05
C MET A 137 -19.49 -40.21 -3.92
N LEU A 138 -18.30 -39.84 -4.39
CA LEU A 138 -17.46 -40.71 -5.22
C LEU A 138 -16.08 -40.84 -4.56
N SER A 139 -15.17 -41.56 -5.19
CA SER A 139 -13.83 -41.79 -4.63
C SER A 139 -12.78 -40.90 -5.29
N TYR A 140 -11.53 -41.37 -5.34
CA TYR A 140 -10.39 -40.62 -5.93
C TYR A 140 -10.63 -40.05 -7.32
N ASN A 141 -9.95 -38.95 -7.63
CA ASN A 141 -9.86 -38.52 -9.01
C ASN A 141 -8.57 -39.02 -9.59
N LEU A 142 -8.57 -39.18 -10.91
CA LEU A 142 -7.47 -39.81 -11.61
C LEU A 142 -6.09 -39.18 -11.31
N TYR A 143 -6.03 -37.89 -10.96
CA TYR A 143 -4.76 -37.33 -10.52
C TYR A 143 -4.34 -37.93 -9.18
N ASP A 144 -5.23 -37.87 -8.21
CA ASP A 144 -4.94 -38.42 -6.90
C ASP A 144 -4.50 -39.86 -7.09
N LEU A 145 -5.12 -40.56 -8.05
CA LEU A 145 -4.74 -41.94 -8.39
C LEU A 145 -3.31 -42.00 -8.87
N LEU A 146 -2.99 -41.20 -9.87
CA LEU A 146 -1.62 -41.12 -10.35
C LEU A 146 -0.61 -40.88 -9.22
N ARG A 147 -0.95 -39.96 -8.32
CA ARG A 147 -0.03 -39.57 -7.24
C ARG A 147 0.17 -40.70 -6.23
N ASN A 148 -0.88 -41.48 -6.00
CA ASN A 148 -0.78 -42.59 -5.05
C ASN A 148 0.18 -43.65 -5.53
N THR A 149 0.34 -43.77 -6.83
CA THR A 149 1.36 -44.65 -7.40
C THR A 149 2.56 -43.81 -7.83
N ASN A 150 2.96 -42.88 -6.97
CA ASN A 150 4.16 -42.07 -7.17
C ASN A 150 4.51 -41.66 -8.60
N PHE A 151 3.48 -41.40 -9.41
CA PHE A 151 3.62 -40.96 -10.80
C PHE A 151 4.42 -41.92 -11.65
N ARG A 152 4.28 -43.21 -11.41
CA ARG A 152 4.85 -44.19 -12.30
C ARG A 152 3.77 -44.56 -13.34
N GLY A 153 2.55 -44.13 -13.05
CA GLY A 153 1.46 -44.29 -14.01
C GLY A 153 0.72 -45.59 -13.78
N VAL A 154 -0.55 -45.64 -14.18
CA VAL A 154 -1.30 -46.88 -14.07
C VAL A 154 -1.01 -47.77 -15.25
N SER A 155 -1.43 -49.03 -15.16
CA SER A 155 -1.23 -50.00 -16.20
C SER A 155 -1.99 -49.63 -17.46
N LEU A 156 -1.57 -50.24 -18.57
CA LEU A 156 -2.18 -50.05 -19.85
C LEU A 156 -3.57 -50.65 -19.85
N ASN A 157 -3.73 -51.86 -19.28
CA ASN A 157 -5.06 -52.47 -19.19
C ASN A 157 -6.06 -51.52 -18.56
N LEU A 158 -5.64 -50.90 -17.48
CA LEU A 158 -6.46 -49.93 -16.75
C LEU A 158 -6.66 -48.62 -17.52
N THR A 159 -5.60 -48.12 -18.14
CA THR A 159 -5.73 -46.96 -19.01
C THR A 159 -6.79 -47.24 -20.07
N ARG A 160 -6.80 -48.47 -20.59
CA ARG A 160 -7.79 -48.86 -21.57
C ARG A 160 -9.17 -48.80 -20.96
N LYS A 161 -9.32 -49.33 -19.75
CA LYS A 161 -10.64 -49.34 -19.12
C LYS A 161 -11.17 -47.91 -19.03
N PHE A 162 -10.36 -46.97 -18.55
CA PHE A 162 -10.78 -45.56 -18.47
C PHE A 162 -11.08 -45.03 -19.86
N ALA A 163 -10.25 -45.45 -20.82
CA ALA A 163 -10.39 -45.01 -22.20
C ALA A 163 -11.80 -45.31 -22.72
N GLN A 164 -12.21 -46.55 -22.53
CA GLN A 164 -13.48 -47.02 -23.07
C GLN A 164 -14.65 -46.32 -22.41
N GLN A 165 -14.55 -46.12 -21.10
CA GLN A 165 -15.61 -45.45 -20.35
C GLN A 165 -15.78 -44.04 -20.87
N MET A 166 -14.70 -43.27 -20.84
CA MET A 166 -14.73 -41.87 -21.32
C MET A 166 -15.31 -41.76 -22.73
N CYS A 167 -14.99 -42.70 -23.59
CA CYS A 167 -15.48 -42.64 -24.96
C CYS A 167 -16.99 -42.78 -25.02
N THR A 168 -17.53 -43.76 -24.31
CA THR A 168 -18.96 -43.90 -24.20
C THR A 168 -19.56 -42.63 -23.64
N ALA A 169 -18.89 -42.07 -22.62
CA ALA A 169 -19.31 -40.81 -22.04
C ALA A 169 -19.44 -39.73 -23.11
N LEU A 170 -18.39 -39.52 -23.89
CA LEU A 170 -18.41 -38.45 -24.88
C LEU A 170 -19.50 -38.69 -25.93
N LEU A 171 -19.77 -39.96 -26.23
CA LEU A 171 -20.87 -40.28 -27.14
C LEU A 171 -22.21 -39.90 -26.54
N PHE A 172 -22.32 -40.02 -25.23
CA PHE A 172 -23.52 -39.59 -24.53
C PHE A 172 -23.71 -38.08 -24.72
N LEU A 173 -22.65 -37.33 -24.44
CA LEU A 173 -22.69 -35.88 -24.58
C LEU A 173 -22.99 -35.48 -26.03
N ALA A 174 -22.64 -36.36 -26.97
CA ALA A 174 -22.88 -36.12 -28.39
C ALA A 174 -24.35 -36.24 -28.81
N THR A 175 -25.17 -37.00 -28.11
CA THR A 175 -26.56 -37.15 -28.50
C THR A 175 -27.16 -35.77 -28.77
N PRO A 176 -27.82 -35.61 -29.93
CA PRO A 176 -28.31 -34.32 -30.42
C PRO A 176 -28.99 -33.44 -29.37
N GLU A 177 -29.85 -34.03 -28.56
CA GLU A 177 -30.61 -33.25 -27.57
C GLU A 177 -29.75 -32.61 -26.49
N LEU A 178 -28.54 -33.12 -26.30
CA LEU A 178 -27.62 -32.57 -25.32
C LEU A 178 -26.59 -31.70 -26.02
N SER A 179 -25.80 -32.31 -26.90
CA SER A 179 -24.72 -31.63 -27.60
C SER A 179 -23.88 -30.81 -26.63
N ILE A 180 -23.30 -31.47 -25.64
CA ILE A 180 -22.59 -30.78 -24.58
C ILE A 180 -21.07 -30.87 -24.74
N ILE A 181 -20.41 -29.72 -24.69
CA ILE A 181 -18.98 -29.66 -24.59
C ILE A 181 -18.62 -29.44 -23.13
N HIS A 182 -17.80 -30.31 -22.59
CA HIS A 182 -17.40 -30.19 -21.19
C HIS A 182 -16.49 -29.00 -20.99
N CYS A 183 -15.48 -28.90 -21.85
CA CYS A 183 -14.54 -27.77 -21.87
C CYS A 183 -13.53 -27.71 -20.72
N ASP A 184 -13.36 -28.80 -19.99
CA ASP A 184 -12.34 -28.84 -18.95
C ASP A 184 -12.05 -30.26 -18.52
N LEU A 185 -11.96 -31.18 -19.49
CA LEU A 185 -11.63 -32.55 -19.16
C LEU A 185 -10.18 -32.54 -18.73
N LYS A 186 -9.87 -33.40 -17.77
CA LYS A 186 -8.59 -33.42 -17.09
C LYS A 186 -8.70 -34.37 -15.90
N PRO A 187 -7.56 -34.90 -15.47
CA PRO A 187 -7.61 -35.97 -14.47
C PRO A 187 -8.39 -35.59 -13.21
N GLU A 188 -8.37 -34.32 -12.83
CA GLU A 188 -9.04 -33.94 -11.61
C GLU A 188 -10.54 -34.06 -11.71
N ASN A 189 -11.06 -33.94 -12.91
CA ASN A 189 -12.49 -34.04 -13.13
C ASN A 189 -13.01 -35.43 -13.57
N ILE A 190 -12.14 -36.44 -13.58
CA ILE A 190 -12.58 -37.81 -13.77
C ILE A 190 -12.39 -38.52 -12.46
N LEU A 191 -13.48 -38.97 -11.85
CA LEU A 191 -13.42 -39.60 -10.54
C LEU A 191 -13.82 -41.07 -10.56
N LEU A 192 -13.15 -41.86 -9.72
CA LEU A 192 -13.54 -43.24 -9.45
C LEU A 192 -14.80 -43.28 -8.60
N CYS A 193 -15.74 -44.15 -8.95
CA CYS A 193 -16.91 -44.41 -8.12
C CYS A 193 -16.51 -45.14 -6.87
N ASN A 194 -15.46 -45.95 -6.96
CA ASN A 194 -15.06 -46.81 -5.86
C ASN A 194 -13.55 -47.02 -5.85
N PRO A 195 -12.93 -46.90 -4.68
CA PRO A 195 -11.48 -46.79 -4.53
C PRO A 195 -10.73 -48.05 -4.90
N LYS A 196 -11.32 -49.21 -4.70
CA LYS A 196 -10.68 -50.46 -5.08
C LYS A 196 -11.21 -50.96 -6.44
N ARG A 197 -11.84 -50.09 -7.22
CA ARG A 197 -12.45 -50.49 -8.49
C ARG A 197 -11.96 -49.60 -9.65
N SEP A 198 -12.63 -49.72 -10.80
CA SEP A 198 -12.18 -49.17 -12.08
CB SEP A 198 -11.90 -50.35 -13.02
OG SEP A 198 -11.38 -51.49 -12.29
C SEP A 198 -13.24 -48.30 -12.70
O SEP A 198 -12.99 -47.63 -13.69
P SEP A 198 -11.97 -53.03 -12.23
O1P SEP A 198 -13.44 -52.93 -11.86
O2P SEP A 198 -11.72 -53.55 -13.63
O3P SEP A 198 -11.19 -53.81 -11.17
N ALA A 199 -14.43 -48.27 -12.11
CA ALA A 199 -15.58 -47.58 -12.69
C ALA A 199 -15.56 -46.13 -12.29
N ILE A 200 -15.90 -45.25 -13.23
CA ILE A 200 -15.66 -43.81 -13.08
C ILE A 200 -16.77 -42.92 -13.66
N LYS A 201 -16.79 -41.66 -13.26
CA LYS A 201 -17.75 -40.68 -13.75
C LYS A 201 -17.11 -39.30 -13.90
N ILE A 202 -17.64 -38.49 -14.82
CA ILE A 202 -17.10 -37.16 -15.10
C ILE A 202 -17.74 -36.14 -14.17
N VAL A 203 -17.00 -35.10 -13.79
CA VAL A 203 -17.53 -34.05 -12.92
C VAL A 203 -17.13 -32.67 -13.38
N ASP A 204 -17.75 -31.66 -12.75
CA ASP A 204 -17.44 -30.24 -12.95
C ASP A 204 -17.82 -29.80 -14.34
N PHE A 205 -19.06 -29.33 -14.49
CA PHE A 205 -19.52 -28.83 -15.76
C PHE A 205 -19.59 -27.32 -15.71
N GLY A 206 -18.82 -26.74 -14.81
CA GLY A 206 -18.80 -25.29 -14.65
C GLY A 206 -18.48 -24.52 -15.94
N SER A 207 -17.58 -25.05 -16.75
CA SER A 207 -17.14 -24.37 -17.95
C SER A 207 -17.99 -24.78 -19.13
N SER A 208 -18.80 -25.81 -18.93
CA SER A 208 -19.45 -26.47 -20.04
C SER A 208 -20.52 -25.62 -20.70
N CYS A 209 -20.92 -26.06 -21.89
CA CYS A 209 -21.90 -25.34 -22.68
C CYS A 209 -22.40 -26.23 -23.79
N GLN A 210 -23.53 -25.88 -24.36
CA GLN A 210 -24.06 -26.62 -25.50
C GLN A 210 -23.54 -26.00 -26.78
N LEU A 211 -23.48 -26.81 -27.83
CA LEU A 211 -23.05 -26.34 -29.15
C LEU A 211 -23.89 -25.13 -29.53
N GLY A 212 -23.28 -24.21 -30.27
CA GLY A 212 -23.96 -22.96 -30.62
C GLY A 212 -23.92 -21.95 -29.47
N GLN A 213 -24.44 -22.35 -28.31
CA GLN A 213 -24.43 -21.50 -27.10
C GLN A 213 -23.04 -21.36 -26.46
N ARG A 214 -22.02 -21.12 -27.28
CA ARG A 214 -20.65 -20.98 -26.82
C ARG A 214 -20.37 -19.55 -26.42
N ILE A 215 -19.98 -19.33 -25.16
CA ILE A 215 -19.83 -17.96 -24.65
C ILE A 215 -18.47 -17.65 -24.02
N TYR A 216 -17.44 -18.46 -24.28
CA TYR A 216 -16.08 -18.19 -23.78
C TYR A 216 -15.00 -18.65 -24.75
N GLN A 217 -13.90 -17.91 -24.82
CA GLN A 217 -12.81 -18.21 -25.76
C GLN A 217 -11.56 -18.78 -25.08
N PTR A 218 -11.42 -18.56 -23.78
CA PTR A 218 -10.28 -19.04 -23.00
C PTR A 218 -10.85 -20.14 -22.19
O PTR A 218 -11.31 -19.90 -21.07
CB PTR A 218 -9.82 -17.94 -22.05
CG PTR A 218 -8.52 -18.19 -21.30
CD1 PTR A 218 -7.31 -18.17 -21.98
CD2 PTR A 218 -8.48 -18.40 -19.91
CE1 PTR A 218 -6.09 -18.37 -21.34
CE2 PTR A 218 -7.26 -18.61 -19.26
CZ PTR A 218 -6.07 -18.59 -19.98
OH PTR A 218 -4.84 -18.75 -19.39
P PTR A 218 -4.18 -20.10 -18.82
O1P PTR A 218 -3.44 -19.63 -17.58
O2P PTR A 218 -5.39 -20.93 -18.47
O3P PTR A 218 -3.33 -20.55 -20.00
N ILE A 219 -10.85 -21.34 -22.76
CA ILE A 219 -11.38 -22.51 -22.06
C ILE A 219 -10.36 -23.63 -22.04
N GLN A 220 -10.65 -24.65 -21.25
CA GLN A 220 -9.82 -25.86 -21.12
C GLN A 220 -8.58 -25.55 -20.29
N SER A 221 -8.23 -26.42 -19.35
CA SER A 221 -6.95 -26.32 -18.64
C SER A 221 -5.77 -26.42 -19.61
N ARG A 222 -4.77 -25.57 -19.42
CA ARG A 222 -3.75 -25.35 -20.46
C ARG A 222 -3.18 -26.65 -21.02
N PHE A 223 -2.74 -27.58 -20.17
CA PHE A 223 -2.13 -28.82 -20.66
C PHE A 223 -3.05 -29.60 -21.60
N TYR A 224 -4.35 -29.50 -21.32
CA TYR A 224 -5.38 -30.29 -21.98
C TYR A 224 -6.14 -29.47 -23.04
N ARG A 225 -5.63 -28.27 -23.30
CA ARG A 225 -6.25 -27.35 -24.25
C ARG A 225 -5.93 -27.80 -25.65
N SER A 226 -6.94 -27.67 -26.49
CA SER A 226 -6.87 -28.08 -27.87
C SER A 226 -6.22 -27.01 -28.73
N PRO A 227 -5.78 -27.38 -29.93
CA PRO A 227 -5.12 -26.40 -30.75
C PRO A 227 -6.10 -25.38 -31.25
N GLU A 228 -7.31 -25.84 -31.57
CA GLU A 228 -8.31 -24.91 -32.13
C GLU A 228 -8.58 -23.77 -31.15
N VAL A 229 -8.65 -24.09 -29.87
CA VAL A 229 -8.88 -23.10 -28.83
C VAL A 229 -7.67 -22.17 -28.73
N LEU A 230 -6.48 -22.75 -28.64
CA LEU A 230 -5.22 -21.97 -28.64
C LEU A 230 -5.13 -20.97 -29.80
N LEU A 231 -5.51 -21.44 -30.98
CA LEU A 231 -5.46 -20.66 -32.21
C LEU A 231 -6.56 -19.60 -32.28
N GLY A 232 -7.48 -19.63 -31.33
CA GLY A 232 -8.57 -18.66 -31.28
C GLY A 232 -9.60 -18.92 -32.36
N MET A 233 -9.69 -20.18 -32.77
CA MET A 233 -10.68 -20.62 -33.74
C MET A 233 -11.97 -21.01 -33.00
N PRO A 234 -13.09 -21.16 -33.73
CA PRO A 234 -14.31 -21.66 -33.11
C PRO A 234 -14.21 -23.16 -32.93
N TYR A 235 -14.93 -23.69 -31.95
CA TYR A 235 -14.70 -25.04 -31.45
C TYR A 235 -16.00 -25.80 -31.18
N ASP A 236 -15.92 -27.12 -31.16
CA ASP A 236 -17.08 -27.96 -30.96
C ASP A 236 -16.78 -29.11 -30.00
N LEU A 237 -17.57 -30.18 -30.05
CA LEU A 237 -17.34 -31.31 -29.19
C LEU A 237 -15.95 -31.91 -29.36
N ALA A 238 -15.33 -31.72 -30.53
CA ALA A 238 -14.00 -32.28 -30.78
C ALA A 238 -12.95 -31.93 -29.70
N ILE A 239 -13.08 -30.77 -29.07
CA ILE A 239 -12.03 -30.32 -28.15
C ILE A 239 -11.90 -31.19 -26.91
N ASP A 240 -13.00 -31.83 -26.50
CA ASP A 240 -12.92 -32.78 -25.39
C ASP A 240 -12.09 -34.03 -25.77
N MET A 241 -12.28 -34.52 -26.99
CA MET A 241 -11.54 -35.69 -27.45
C MET A 241 -10.06 -35.41 -27.32
N TRP A 242 -9.64 -34.23 -27.76
CA TRP A 242 -8.26 -33.82 -27.60
C TRP A 242 -7.80 -33.97 -26.17
N SER A 243 -8.54 -33.39 -25.25
CA SER A 243 -8.16 -33.41 -23.87
C SER A 243 -8.01 -34.87 -23.45
N LEU A 244 -8.96 -35.70 -23.85
CA LEU A 244 -8.93 -37.12 -23.50
C LEU A 244 -7.66 -37.82 -23.97
N GLY A 245 -7.19 -37.43 -25.16
CA GLY A 245 -5.92 -37.95 -25.66
C GLY A 245 -4.86 -37.66 -24.62
N CYS A 246 -4.71 -36.39 -24.27
CA CYS A 246 -3.65 -35.98 -23.37
C CYS A 246 -3.81 -36.61 -22.00
N ILE A 247 -5.06 -36.91 -21.64
CA ILE A 247 -5.32 -37.52 -20.35
C ILE A 247 -4.79 -38.94 -20.35
N LEU A 248 -5.30 -39.73 -21.29
CA LEU A 248 -4.96 -41.13 -21.34
C LEU A 248 -3.43 -41.34 -21.34
N VAL A 249 -2.71 -40.53 -22.14
CA VAL A 249 -1.26 -40.68 -22.20
C VAL A 249 -0.69 -40.41 -20.83
N GLU A 250 -1.12 -39.31 -20.24
CA GLU A 250 -0.64 -38.93 -18.92
C GLU A 250 -0.90 -40.04 -17.90
N MET A 251 -2.10 -40.60 -17.96
CA MET A 251 -2.50 -41.65 -17.03
C MET A 251 -1.52 -42.81 -17.06
N HIS A 252 -0.97 -43.11 -18.23
CA HIS A 252 -0.06 -44.25 -18.33
C HIS A 252 1.36 -43.88 -18.13
N THR A 253 1.73 -42.65 -18.53
CA THR A 253 3.11 -42.20 -18.48
C THR A 253 3.47 -41.61 -17.14
N GLY A 254 2.46 -41.17 -16.40
CA GLY A 254 2.65 -40.65 -15.06
C GLY A 254 2.86 -39.14 -15.02
N GLU A 255 2.60 -38.47 -16.13
CA GLU A 255 3.15 -37.14 -16.36
C GLU A 255 2.55 -36.58 -17.63
N PRO A 256 2.18 -35.30 -17.61
CA PRO A 256 1.35 -34.77 -18.67
C PRO A 256 2.12 -34.67 -19.97
N LEU A 257 1.40 -34.73 -21.09
CA LEU A 257 2.07 -34.94 -22.36
C LEU A 257 2.52 -33.62 -22.91
N PHE A 258 1.68 -32.59 -22.78
CA PHE A 258 2.02 -31.26 -23.26
C PHE A 258 1.96 -30.30 -22.09
N SER A 259 3.09 -30.10 -21.44
CA SER A 259 3.06 -29.43 -20.14
C SER A 259 3.36 -27.94 -20.24
N GLY A 260 2.60 -27.23 -21.08
CA GLY A 260 2.93 -25.84 -21.32
C GLY A 260 2.87 -24.93 -20.08
N ALA A 261 3.82 -24.01 -19.96
CA ALA A 261 3.80 -23.03 -18.89
C ALA A 261 2.92 -21.89 -19.30
N ASN A 262 2.69 -21.74 -20.58
CA ASN A 262 1.85 -20.70 -21.10
C ASN A 262 1.44 -21.04 -22.55
N GLU A 263 0.56 -20.24 -23.13
CA GLU A 263 0.00 -20.57 -24.43
C GLU A 263 1.12 -20.81 -25.43
N VAL A 264 2.03 -19.86 -25.57
CA VAL A 264 3.12 -20.05 -26.51
C VAL A 264 3.92 -21.33 -26.23
N ASP A 265 4.28 -21.54 -24.96
CA ASP A 265 5.01 -22.75 -24.59
C ASP A 265 4.18 -23.99 -24.92
N GLN A 266 2.89 -23.94 -24.59
CA GLN A 266 1.99 -25.06 -24.84
C GLN A 266 1.99 -25.39 -26.33
N MET A 267 1.84 -24.39 -27.18
CA MET A 267 1.74 -24.63 -28.62
C MET A 267 3.01 -25.24 -29.14
N ASN A 268 4.16 -24.72 -28.71
CA ASN A 268 5.45 -25.32 -29.10
C ASN A 268 5.60 -26.77 -28.69
N LYS A 269 5.10 -27.10 -27.51
CA LYS A 269 5.24 -28.45 -27.00
C LYS A 269 4.38 -29.41 -27.79
N ILE A 270 3.24 -28.91 -28.28
CA ILE A 270 2.42 -29.68 -29.21
C ILE A 270 3.17 -29.83 -30.53
N VAL A 271 3.80 -28.75 -31.00
CA VAL A 271 4.48 -28.85 -32.26
C VAL A 271 5.63 -29.84 -32.16
N GLU A 272 6.23 -29.98 -30.98
CA GLU A 272 7.34 -30.91 -30.78
C GLU A 272 6.97 -32.34 -31.16
N VAL A 273 5.79 -32.73 -30.73
CA VAL A 273 5.30 -34.05 -30.98
C VAL A 273 4.58 -34.15 -32.32
N LEU A 274 3.84 -33.12 -32.75
CA LEU A 274 2.93 -33.31 -33.87
C LEU A 274 3.28 -32.48 -35.09
N GLY A 275 4.30 -31.64 -34.99
CA GLY A 275 4.72 -30.82 -36.12
C GLY A 275 3.94 -29.53 -36.26
N ILE A 276 4.31 -28.76 -37.28
CA ILE A 276 3.57 -27.56 -37.61
C ILE A 276 2.18 -28.01 -38.01
N PRO A 277 1.15 -27.22 -37.65
CA PRO A 277 -0.16 -27.67 -38.07
C PRO A 277 -0.40 -27.38 -39.54
N PRO A 278 -1.54 -27.83 -40.07
CA PRO A 278 -1.73 -27.73 -41.51
C PRO A 278 -2.00 -26.34 -42.01
N ALA A 279 -1.59 -26.09 -43.24
CA ALA A 279 -1.88 -24.86 -43.96
C ALA A 279 -3.32 -24.40 -43.78
N HIS A 280 -4.25 -25.27 -44.13
CA HIS A 280 -5.67 -24.90 -44.19
C HIS A 280 -6.25 -24.54 -42.87
N ILE A 281 -5.61 -24.95 -41.78
CA ILE A 281 -6.04 -24.52 -40.46
C ILE A 281 -5.42 -23.17 -40.08
N LEU A 282 -4.10 -23.09 -40.11
CA LEU A 282 -3.40 -21.85 -39.75
C LEU A 282 -3.86 -20.70 -40.64
N ASP A 283 -4.14 -20.96 -41.93
CA ASP A 283 -4.71 -19.95 -42.81
C ASP A 283 -5.97 -19.29 -42.21
N GLN A 284 -6.78 -20.09 -41.51
CA GLN A 284 -8.07 -19.63 -41.01
C GLN A 284 -8.02 -19.25 -39.54
N ALA A 285 -6.85 -19.35 -38.93
CA ALA A 285 -6.73 -19.20 -37.47
C ALA A 285 -6.35 -17.77 -37.09
N PRO A 286 -7.22 -17.08 -36.35
CA PRO A 286 -6.94 -15.68 -35.98
C PRO A 286 -5.62 -15.50 -35.25
N LYS A 287 -5.36 -16.35 -34.26
CA LYS A 287 -4.15 -16.24 -33.46
C LYS A 287 -2.96 -17.00 -34.05
N ALA A 288 -3.06 -17.49 -35.28
CA ALA A 288 -1.96 -18.19 -35.94
C ALA A 288 -0.62 -17.44 -35.83
N ARG A 289 -0.66 -16.12 -35.81
CA ARG A 289 0.59 -15.36 -35.81
C ARG A 289 1.21 -15.19 -34.44
N LYS A 290 0.52 -15.64 -33.40
CA LYS A 290 1.07 -15.66 -32.06
C LYS A 290 2.19 -16.66 -32.00
N PHE A 291 2.03 -17.75 -32.74
CA PHE A 291 2.92 -18.89 -32.65
C PHE A 291 3.73 -19.15 -33.90
N PHE A 292 3.18 -18.80 -35.06
CA PHE A 292 3.77 -19.15 -36.35
C PHE A 292 3.94 -17.95 -37.24
N GLU A 293 4.63 -18.14 -38.36
CA GLU A 293 4.64 -17.17 -39.42
C GLU A 293 4.54 -17.84 -40.78
N LYS A 294 3.99 -17.10 -41.75
CA LYS A 294 3.76 -17.61 -43.08
C LYS A 294 4.87 -17.13 -43.97
N LEU A 295 5.60 -18.06 -44.58
CA LEU A 295 6.72 -17.73 -45.47
C LEU A 295 6.15 -17.28 -46.81
N PRO A 296 6.95 -16.57 -47.64
CA PRO A 296 6.47 -16.11 -48.95
C PRO A 296 5.65 -17.17 -49.69
N ASP A 297 6.18 -18.39 -49.73
CA ASP A 297 5.61 -19.52 -50.48
C ASP A 297 4.35 -20.16 -49.87
N GLY A 298 3.75 -19.51 -48.89
CA GLY A 298 2.48 -19.99 -48.33
C GLY A 298 2.58 -21.12 -47.32
N THR A 299 3.81 -21.57 -47.05
CA THR A 299 4.05 -22.60 -46.04
C THR A 299 4.32 -21.92 -44.70
N TRP A 300 4.02 -22.62 -43.60
CA TRP A 300 4.19 -22.07 -42.25
C TRP A 300 5.33 -22.67 -41.47
N ASN A 301 6.10 -21.84 -40.80
CA ASN A 301 7.11 -22.29 -39.82
C ASN A 301 6.69 -21.83 -38.45
N LEU A 302 7.48 -22.16 -37.43
CA LEU A 302 7.37 -21.50 -36.13
C LEU A 302 8.00 -20.12 -36.18
N LYS A 303 7.48 -19.18 -35.41
CA LYS A 303 8.03 -17.81 -35.35
C LYS A 303 9.53 -17.84 -35.11
N LYS A 304 10.26 -16.95 -35.77
CA LYS A 304 11.71 -16.84 -35.59
C LYS A 304 12.02 -16.49 -34.12
N THR A 305 13.14 -17.00 -33.61
CA THR A 305 13.48 -16.89 -32.19
C THR A 305 14.81 -16.21 -31.93
N LYS A 306 14.88 -15.47 -30.82
CA LYS A 306 16.01 -14.61 -30.49
C LYS A 306 17.40 -15.21 -30.78
N ASP A 307 18.28 -14.35 -31.28
CA ASP A 307 19.60 -14.75 -31.78
C ASP A 307 20.27 -15.74 -30.83
N GLY A 308 20.27 -17.02 -31.23
CA GLY A 308 21.00 -18.05 -30.51
C GLY A 308 20.16 -18.99 -29.64
N LYS A 309 18.98 -18.54 -29.22
CA LYS A 309 18.18 -19.33 -28.30
C LYS A 309 17.65 -20.60 -28.95
N ARG A 310 17.98 -21.75 -28.34
CA ARG A 310 17.37 -23.05 -28.62
C ARG A 310 16.64 -23.56 -27.42
N GLU A 311 15.35 -23.83 -27.53
CA GLU A 311 14.60 -24.31 -26.36
C GLU A 311 13.75 -25.54 -26.65
N TYR A 312 13.32 -25.74 -27.89
CA TYR A 312 12.47 -26.89 -28.23
C TYR A 312 13.13 -27.92 -29.14
N LYS A 313 12.56 -29.11 -29.18
CA LYS A 313 13.04 -30.06 -30.16
C LYS A 313 12.43 -29.71 -31.50
N PRO A 314 13.10 -30.08 -32.58
CA PRO A 314 12.54 -29.72 -33.87
C PRO A 314 11.20 -30.35 -34.10
N PRO A 315 10.31 -29.64 -34.79
CA PRO A 315 8.95 -30.11 -35.04
C PRO A 315 8.84 -31.58 -35.40
N GLY A 316 8.09 -32.33 -34.60
CA GLY A 316 7.79 -33.74 -34.90
C GLY A 316 8.89 -34.73 -34.51
N THR A 317 9.96 -34.22 -33.90
CA THR A 317 11.09 -35.05 -33.50
C THR A 317 11.01 -35.45 -32.03
N ARG A 318 9.81 -35.38 -31.46
CA ARG A 318 9.57 -35.96 -30.17
C ARG A 318 8.45 -36.95 -30.38
N LYS A 319 8.80 -38.09 -30.96
CA LYS A 319 7.78 -38.99 -31.48
C LYS A 319 7.11 -39.64 -30.29
N LEU A 320 5.78 -39.61 -30.32
CA LEU A 320 4.96 -40.24 -29.27
C LEU A 320 5.45 -41.67 -29.03
N HIS A 321 5.76 -42.34 -30.14
CA HIS A 321 6.29 -43.69 -30.15
C HIS A 321 7.35 -43.95 -29.11
N ASN A 322 8.14 -42.95 -28.74
CA ASN A 322 9.13 -43.13 -27.67
C ASN A 322 8.68 -42.61 -26.32
N ILE A 323 7.89 -41.55 -26.29
CA ILE A 323 7.35 -41.11 -25.00
C ILE A 323 6.63 -42.28 -24.34
N LEU A 324 5.84 -43.00 -25.15
CA LEU A 324 5.14 -44.20 -24.69
C LEU A 324 6.09 -45.39 -24.50
N GLY A 325 7.23 -45.40 -25.17
CA GLY A 325 8.17 -46.48 -24.99
C GLY A 325 7.69 -47.78 -25.61
N VAL A 326 6.99 -47.66 -26.75
CA VAL A 326 6.41 -48.79 -27.50
C VAL A 326 7.34 -49.99 -27.63
N GLU A 327 8.56 -49.75 -28.10
CA GLU A 327 9.49 -50.87 -28.35
C GLU A 327 10.54 -51.01 -27.25
N THR A 328 10.43 -50.20 -26.19
CA THR A 328 11.44 -50.19 -25.14
C THR A 328 10.88 -50.40 -23.74
N GLY A 329 9.86 -51.23 -23.63
CA GLY A 329 9.33 -51.61 -22.33
C GLY A 329 8.43 -50.57 -21.69
N GLY A 330 7.75 -49.78 -22.53
CA GLY A 330 6.80 -48.79 -22.06
C GLY A 330 7.51 -47.61 -21.41
N PRO A 331 6.72 -46.62 -20.94
CA PRO A 331 7.23 -45.37 -20.43
C PRO A 331 8.39 -45.55 -19.46
N GLY A 332 9.55 -45.02 -19.82
CA GLY A 332 10.73 -45.13 -18.97
C GLY A 332 11.21 -46.57 -18.81
N GLY A 333 10.76 -47.42 -19.71
CA GLY A 333 11.04 -48.84 -19.62
C GLY A 333 10.48 -49.49 -18.37
N ARG A 334 9.52 -48.83 -17.75
CA ARG A 334 9.05 -49.28 -16.45
C ARG A 334 8.07 -50.44 -16.57
N ARG A 335 7.67 -50.78 -17.79
CA ARG A 335 6.85 -51.97 -18.00
C ARG A 335 7.64 -53.14 -18.51
N ALA A 336 8.96 -52.99 -18.58
CA ALA A 336 9.82 -54.04 -19.11
C ALA A 336 9.44 -55.39 -18.52
N GLY A 337 9.08 -56.34 -19.40
CA GLY A 337 8.66 -57.68 -18.97
C GLY A 337 7.46 -57.72 -18.04
N GLU A 338 6.34 -57.15 -18.47
CA GLU A 338 5.08 -57.26 -17.75
C GLU A 338 4.01 -57.86 -18.64
N SER A 339 3.14 -58.64 -18.03
CA SER A 339 1.92 -59.07 -18.68
C SER A 339 1.12 -57.85 -19.14
N GLY A 340 0.45 -57.99 -20.29
CA GLY A 340 -0.53 -56.98 -20.75
C GLY A 340 0.04 -55.67 -21.28
N HIS A 341 1.34 -55.65 -21.53
CA HIS A 341 2.03 -54.49 -22.08
C HIS A 341 2.90 -54.97 -23.23
N THR A 342 2.24 -55.56 -24.21
CA THR A 342 2.93 -56.06 -25.38
C THR A 342 3.15 -54.91 -26.35
N VAL A 343 4.16 -55.05 -27.21
CA VAL A 343 4.47 -54.06 -28.24
C VAL A 343 3.28 -53.91 -29.20
N ALA A 344 2.75 -55.05 -29.63
CA ALA A 344 1.53 -55.07 -30.42
C ALA A 344 0.45 -54.19 -29.78
N ASP A 345 0.29 -54.31 -28.46
CA ASP A 345 -0.70 -53.50 -27.70
C ASP A 345 -0.41 -52.00 -27.73
N TYR A 346 0.82 -51.64 -27.37
CA TYR A 346 1.28 -50.26 -27.42
C TYR A 346 1.05 -49.61 -28.79
N LEU A 347 1.33 -50.35 -29.85
CA LEU A 347 1.05 -49.88 -31.20
C LEU A 347 -0.43 -49.53 -31.37
N LYS A 348 -1.31 -50.44 -30.97
CA LYS A 348 -2.75 -50.19 -31.05
C LYS A 348 -3.09 -48.90 -30.31
N PHE A 349 -2.46 -48.71 -29.16
CA PHE A 349 -2.70 -47.57 -28.32
C PHE A 349 -2.24 -46.28 -29.00
N LYS A 350 -0.96 -46.25 -29.38
CA LYS A 350 -0.40 -45.10 -30.08
C LYS A 350 -1.35 -44.60 -31.16
N ASP A 351 -1.91 -45.51 -31.94
CA ASP A 351 -2.74 -45.13 -33.07
C ASP A 351 -4.00 -44.42 -32.64
N LEU A 352 -4.63 -44.93 -31.60
CA LEU A 352 -5.84 -44.31 -31.09
C LEU A 352 -5.54 -42.85 -30.70
N ILE A 353 -4.65 -42.68 -29.71
CA ILE A 353 -4.22 -41.36 -29.27
C ILE A 353 -3.94 -40.44 -30.46
N LEU A 354 -3.18 -40.91 -31.44
CA LEU A 354 -2.83 -40.08 -32.56
C LEU A 354 -4.05 -39.58 -33.33
N ARG A 355 -5.11 -40.37 -33.36
CA ARG A 355 -6.37 -39.90 -33.97
C ARG A 355 -7.19 -39.02 -33.03
N MET A 356 -6.93 -39.13 -31.73
CA MET A 356 -7.51 -38.16 -30.79
C MET A 356 -6.76 -36.82 -30.89
N LEU A 357 -5.50 -36.85 -31.29
CA LEU A 357 -4.70 -35.64 -31.38
C LEU A 357 -4.55 -35.13 -32.83
N ASP A 358 -5.55 -35.37 -33.65
CA ASP A 358 -5.60 -34.81 -34.99
C ASP A 358 -5.74 -33.29 -34.88
N TYR A 359 -4.87 -32.53 -35.53
CA TYR A 359 -4.99 -31.08 -35.52
C TYR A 359 -6.33 -30.58 -36.03
N ASP A 360 -6.92 -31.34 -36.97
CA ASP A 360 -8.13 -30.93 -37.67
C ASP A 360 -9.33 -31.52 -36.97
N PRO A 361 -10.17 -30.66 -36.37
CA PRO A 361 -11.32 -31.11 -35.56
C PRO A 361 -12.43 -31.73 -36.40
N LYS A 362 -12.47 -31.38 -37.70
CA LYS A 362 -13.40 -32.02 -38.63
C LYS A 362 -13.07 -33.49 -38.89
N THR A 363 -11.79 -33.87 -38.73
CA THR A 363 -11.34 -35.25 -38.99
C THR A 363 -10.80 -35.97 -37.76
N ARG A 364 -10.89 -35.33 -36.59
CA ARG A 364 -10.45 -35.96 -35.35
C ARG A 364 -11.44 -37.02 -34.94
N ILE A 365 -10.90 -38.13 -34.45
CA ILE A 365 -11.71 -39.33 -34.18
C ILE A 365 -12.88 -38.97 -33.28
N GLN A 366 -14.05 -39.45 -33.69
CA GLN A 366 -15.29 -39.26 -32.94
C GLN A 366 -15.63 -40.52 -32.13
N PRO A 367 -16.41 -40.35 -31.06
CA PRO A 367 -16.58 -41.42 -30.09
C PRO A 367 -17.09 -42.72 -30.69
N TYR A 368 -18.13 -42.62 -31.54
CA TYR A 368 -18.70 -43.81 -32.20
C TYR A 368 -17.65 -44.72 -32.84
N TYR A 369 -16.63 -44.10 -33.41
CA TYR A 369 -15.58 -44.83 -34.12
C TYR A 369 -14.43 -45.17 -33.18
N ALA A 370 -14.13 -44.27 -32.26
CA ALA A 370 -13.15 -44.55 -31.23
C ALA A 370 -13.47 -45.88 -30.54
N LEU A 371 -14.74 -46.09 -30.21
CA LEU A 371 -15.16 -47.32 -29.54
C LEU A 371 -14.99 -48.58 -30.41
N GLN A 372 -14.99 -48.40 -31.73
CA GLN A 372 -14.77 -49.50 -32.65
C GLN A 372 -13.33 -49.54 -33.14
N HIS A 373 -12.38 -49.32 -32.24
CA HIS A 373 -10.96 -49.27 -32.57
C HIS A 373 -10.30 -50.51 -32.02
N SER A 374 -9.21 -50.92 -32.66
CA SER A 374 -8.55 -52.20 -32.36
C SER A 374 -8.00 -52.30 -30.94
N PHE A 375 -7.77 -51.14 -30.33
CA PHE A 375 -7.30 -51.07 -28.95
C PHE A 375 -8.35 -51.56 -27.94
N PHE A 376 -9.60 -51.68 -28.38
CA PHE A 376 -10.68 -52.19 -27.51
C PHE A 376 -11.16 -53.59 -27.91
N LYS A 377 -10.59 -54.17 -28.95
CA LYS A 377 -11.09 -55.44 -29.45
C LYS A 377 -10.67 -56.63 -28.55
N LYS A 378 -11.66 -57.22 -27.85
CA LYS A 378 -11.44 -58.42 -27.03
C LYS A 378 -11.44 -59.69 -27.92
N VAL B 32 -34.50 2.49 7.75
CA VAL B 32 -34.58 2.56 9.25
C VAL B 32 -33.81 1.42 9.90
N TYR B 33 -32.82 1.77 10.74
CA TYR B 33 -31.88 0.81 11.30
C TYR B 33 -32.20 0.48 12.76
N ASN B 34 -32.49 -0.79 13.05
CA ASN B 34 -32.71 -1.27 14.43
C ASN B 34 -33.96 -0.65 15.08
N ASP B 35 -35.07 -0.70 14.36
CA ASP B 35 -36.31 -0.03 14.77
C ASP B 35 -36.10 1.46 15.09
N GLY B 36 -35.25 2.12 14.31
CA GLY B 36 -34.98 3.54 14.47
C GLY B 36 -34.02 3.89 15.60
N TYR B 37 -33.47 2.89 16.28
CA TYR B 37 -32.53 3.14 17.37
C TYR B 37 -31.10 3.50 16.91
N ASP B 38 -30.68 2.95 15.76
CA ASP B 38 -29.32 3.18 15.26
C ASP B 38 -29.29 4.09 14.04
N ASP B 39 -28.12 4.70 13.81
CA ASP B 39 -27.88 5.46 12.58
C ASP B 39 -27.31 4.52 11.50
N ASP B 40 -26.76 5.08 10.43
CA ASP B 40 -26.26 4.27 9.32
C ASP B 40 -24.83 3.73 9.52
N ASN B 41 -24.16 4.12 10.61
CA ASN B 41 -22.84 3.60 10.94
C ASN B 41 -22.92 2.62 12.12
N TYR B 42 -24.09 1.99 12.27
CA TYR B 42 -24.34 1.04 13.37
C TYR B 42 -24.31 1.63 14.79
N ASP B 43 -24.15 2.94 14.93
CA ASP B 43 -24.04 3.56 16.26
C ASP B 43 -25.43 3.73 16.81
N TYR B 44 -25.61 3.61 18.13
CA TYR B 44 -26.91 3.88 18.75
C TYR B 44 -27.15 5.39 18.78
N ILE B 45 -28.28 5.86 18.27
CA ILE B 45 -28.54 7.29 18.21
C ILE B 45 -28.78 7.82 19.63
N VAL B 46 -27.73 8.38 20.24
CA VAL B 46 -27.80 8.89 21.61
C VAL B 46 -28.86 10.00 21.76
N LYS B 47 -29.67 9.90 22.79
CA LYS B 47 -30.66 10.93 23.10
C LYS B 47 -30.49 11.31 24.55
N ASN B 48 -30.25 12.61 24.80
CA ASN B 48 -29.96 13.08 26.15
C ASN B 48 -31.25 13.09 26.91
N GLY B 49 -31.25 12.56 28.13
CA GLY B 49 -32.46 12.51 28.95
C GLY B 49 -33.05 11.11 29.04
N GLU B 50 -32.81 10.30 28.02
CA GLU B 50 -33.31 8.93 28.00
C GLU B 50 -32.92 8.22 29.29
N LYS B 51 -33.84 7.43 29.85
CA LYS B 51 -33.54 6.62 31.01
C LYS B 51 -33.64 5.17 30.59
N TRP B 52 -32.55 4.43 30.71
CA TRP B 52 -32.58 3.01 30.40
C TRP B 52 -32.89 2.18 31.60
N MET B 53 -33.70 1.14 31.38
CA MET B 53 -33.83 0.04 32.34
C MET B 53 -34.12 0.57 33.71
N ASP B 54 -34.94 1.63 33.75
CA ASP B 54 -35.27 2.34 34.98
C ASP B 54 -34.07 2.56 35.91
N ARG B 55 -32.90 2.81 35.32
CA ARG B 55 -31.65 2.88 36.08
C ARG B 55 -30.71 3.98 35.58
N TYR B 56 -30.18 3.81 34.38
CA TYR B 56 -29.18 4.75 33.89
C TYR B 56 -29.91 5.90 33.20
N GLU B 57 -29.57 7.12 33.59
CA GLU B 57 -30.08 8.33 32.96
C GLU B 57 -28.97 8.92 32.10
N ILE B 58 -29.17 8.92 30.79
CA ILE B 58 -28.14 9.36 29.86
C ILE B 58 -28.05 10.88 29.81
N ASP B 59 -26.89 11.41 30.17
CA ASP B 59 -26.68 12.86 30.22
C ASP B 59 -26.26 13.39 28.86
N SER B 60 -25.14 12.90 28.35
CA SER B 60 -24.57 13.45 27.13
C SER B 60 -23.60 12.48 26.47
N LEU B 61 -23.35 12.71 25.19
CA LEU B 61 -22.24 12.06 24.51
C LEU B 61 -20.94 12.67 25.04
N ILE B 62 -19.98 11.83 25.40
CA ILE B 62 -18.66 12.33 25.77
C ILE B 62 -17.64 12.07 24.69
N GLY B 63 -17.77 10.98 23.93
CA GLY B 63 -16.82 10.71 22.85
C GLY B 63 -17.25 9.66 21.83
N LYS B 64 -16.73 9.79 20.61
CA LYS B 64 -16.90 8.79 19.56
C LYS B 64 -15.61 7.99 19.40
N GLY B 65 -15.63 7.06 18.46
CA GLY B 65 -14.47 6.20 18.20
C GLY B 65 -14.88 5.03 17.32
N SER B 66 -13.89 4.37 16.71
CA SER B 66 -14.15 3.26 15.80
C SER B 66 -15.01 2.16 16.44
N PHE B 67 -14.73 1.88 17.72
CA PHE B 67 -15.53 0.97 18.55
C PHE B 67 -17.02 1.37 18.68
N GLY B 68 -17.29 2.67 18.76
CA GLY B 68 -18.66 3.13 18.97
C GLY B 68 -18.75 4.51 19.58
N GLN B 69 -19.41 4.60 20.75
CA GLN B 69 -19.52 5.86 21.49
C GLN B 69 -19.37 5.66 22.98
N VAL B 70 -19.09 6.74 23.68
CA VAL B 70 -19.14 6.72 25.13
C VAL B 70 -20.02 7.86 25.58
N VAL B 71 -20.89 7.56 26.56
CA VAL B 71 -21.88 8.51 27.08
C VAL B 71 -21.71 8.68 28.59
N LYS B 72 -21.97 9.89 29.06
CA LYS B 72 -22.02 10.19 30.49
C LYS B 72 -23.42 9.85 30.97
N ALA B 73 -23.53 8.99 31.97
CA ALA B 73 -24.85 8.59 32.47
C ALA B 73 -24.83 8.48 33.98
N TYR B 74 -25.96 8.81 34.60
CA TYR B 74 -26.11 8.71 36.04
C TYR B 74 -26.81 7.43 36.40
N ASP B 75 -26.20 6.65 37.29
CA ASP B 75 -26.73 5.36 37.72
C ASP B 75 -27.54 5.53 39.00
N ARG B 76 -28.85 5.71 38.83
CA ARG B 76 -29.79 5.82 39.95
C ARG B 76 -29.56 4.81 41.06
N VAL B 77 -29.33 3.56 40.68
CA VAL B 77 -29.29 2.44 41.63
C VAL B 77 -28.05 2.51 42.51
N GLU B 78 -26.90 2.83 41.94
CA GLU B 78 -25.67 2.99 42.73
C GLU B 78 -25.38 4.45 43.09
N GLN B 79 -26.27 5.35 42.68
CA GLN B 79 -26.17 6.77 43.03
C GLN B 79 -24.81 7.34 42.68
N GLU B 80 -24.43 7.24 41.41
CA GLU B 80 -23.13 7.72 40.96
C GLU B 80 -23.11 7.91 39.46
N TRP B 81 -22.17 8.71 38.99
CA TRP B 81 -21.94 8.85 37.56
C TRP B 81 -21.17 7.68 37.01
N VAL B 82 -21.52 7.26 35.80
CA VAL B 82 -20.79 6.22 35.13
C VAL B 82 -20.60 6.66 33.69
N ALA B 83 -19.58 6.11 33.05
CA ALA B 83 -19.36 6.34 31.63
C ALA B 83 -19.66 5.03 30.95
N ILE B 84 -20.62 5.03 30.04
CA ILE B 84 -21.02 3.80 29.37
C ILE B 84 -20.53 3.83 27.93
N LYS B 85 -19.93 2.73 27.49
CA LYS B 85 -19.37 2.61 26.15
C LYS B 85 -20.33 1.78 25.34
N ILE B 86 -21.01 2.40 24.38
CA ILE B 86 -22.03 1.72 23.55
C ILE B 86 -21.45 1.20 22.24
N ILE B 87 -21.15 -0.10 22.24
CA ILE B 87 -20.49 -0.74 21.11
C ILE B 87 -21.40 -0.69 19.90
N LYS B 88 -20.79 -0.58 18.72
CA LYS B 88 -21.54 -0.61 17.48
C LYS B 88 -22.38 -1.89 17.44
N ASN B 89 -23.48 -1.85 16.72
CA ASN B 89 -24.33 -3.01 16.55
C ASN B 89 -23.92 -3.75 15.30
N LYS B 90 -22.81 -4.45 15.36
CA LYS B 90 -22.33 -5.29 14.25
C LYS B 90 -21.43 -6.40 14.80
N LYS B 91 -21.68 -7.64 14.37
CA LYS B 91 -21.02 -8.85 14.88
C LYS B 91 -19.52 -8.67 15.03
N ALA B 92 -18.89 -8.22 13.95
CA ALA B 92 -17.47 -7.86 13.95
C ALA B 92 -17.06 -7.09 15.21
N PHE B 93 -17.75 -5.99 15.50
CA PHE B 93 -17.44 -5.17 16.67
C PHE B 93 -17.83 -5.80 18.00
N LEU B 94 -18.90 -6.58 17.99
CA LEU B 94 -19.38 -7.22 19.21
C LEU B 94 -18.37 -8.25 19.69
N ASN B 95 -17.94 -9.08 18.74
CA ASN B 95 -16.93 -10.11 18.99
C ASN B 95 -15.66 -9.53 19.60
N GLN B 96 -15.24 -8.36 19.13
CA GLN B 96 -14.06 -7.72 19.67
C GLN B 96 -14.37 -7.31 21.10
N ALA B 97 -15.42 -6.51 21.26
CA ALA B 97 -15.84 -6.03 22.58
C ALA B 97 -15.89 -7.15 23.62
N GLN B 98 -16.22 -8.37 23.21
CA GLN B 98 -16.28 -9.48 24.16
C GLN B 98 -14.90 -9.83 24.66
N ILE B 99 -13.91 -9.83 23.76
CA ILE B 99 -12.52 -10.06 24.15
C ILE B 99 -12.08 -8.98 25.14
N GLU B 100 -12.47 -7.74 24.83
CA GLU B 100 -12.19 -6.62 25.70
C GLU B 100 -12.74 -6.89 27.11
N VAL B 101 -14.03 -7.20 27.19
CA VAL B 101 -14.67 -7.46 28.48
C VAL B 101 -13.88 -8.52 29.27
N ARG B 102 -13.55 -9.62 28.59
CA ARG B 102 -12.84 -10.73 29.21
C ARG B 102 -11.55 -10.27 29.87
N LEU B 103 -10.79 -9.47 29.12
CA LEU B 103 -9.52 -8.93 29.59
C LEU B 103 -9.73 -7.95 30.75
N LEU B 104 -10.67 -7.04 30.57
CA LEU B 104 -11.00 -6.11 31.63
C LEU B 104 -11.31 -6.88 32.93
N GLU B 105 -11.94 -8.04 32.80
CA GLU B 105 -12.32 -8.82 33.98
C GLU B 105 -11.13 -9.56 34.61
N LEU B 106 -10.13 -9.91 33.81
CA LEU B 106 -8.88 -10.44 34.38
C LEU B 106 -8.10 -9.38 35.14
N MET B 107 -8.05 -8.18 34.59
CA MET B 107 -7.25 -7.10 35.16
C MET B 107 -7.90 -6.56 36.42
N ASN B 108 -9.21 -6.36 36.37
CA ASN B 108 -9.93 -5.86 37.52
C ASN B 108 -9.78 -6.80 38.71
N LYS B 109 -9.90 -8.10 38.45
CA LYS B 109 -9.85 -9.08 39.54
C LYS B 109 -8.44 -9.30 40.10
N HIS B 110 -7.39 -8.96 39.35
CA HIS B 110 -6.05 -9.28 39.79
C HIS B 110 -5.57 -8.48 40.97
N ASP B 111 -4.63 -9.07 41.69
CA ASP B 111 -4.47 -8.87 43.13
C ASP B 111 -3.79 -7.56 43.58
N THR B 112 -2.48 -7.45 43.38
CA THR B 112 -1.69 -6.35 43.96
C THR B 112 -2.19 -4.96 43.51
N GLU B 113 -1.84 -3.94 44.31
CA GLU B 113 -2.42 -2.58 44.19
C GLU B 113 -2.19 -1.89 42.83
N MET B 114 -1.33 -2.49 42.00
CA MET B 114 -1.08 -2.03 40.64
C MET B 114 -2.33 -2.07 39.74
N LYS B 115 -3.36 -2.80 40.16
CA LYS B 115 -4.62 -2.93 39.39
C LYS B 115 -5.48 -1.66 39.37
N TYR B 116 -5.03 -0.61 40.07
CA TYR B 116 -5.67 0.72 40.00
C TYR B 116 -4.88 1.70 39.07
N TYR B 117 -4.35 1.16 37.97
CA TYR B 117 -3.98 1.96 36.79
C TYR B 117 -4.77 1.53 35.54
N ILE B 118 -5.58 0.49 35.68
CA ILE B 118 -6.47 0.06 34.64
C ILE B 118 -7.89 0.42 35.06
N VAL B 119 -8.66 0.95 34.12
CA VAL B 119 -10.01 1.40 34.41
C VAL B 119 -10.92 0.26 34.84
N HIS B 120 -11.80 0.56 35.79
CA HIS B 120 -12.69 -0.43 36.38
C HIS B 120 -13.93 -0.59 35.54
N LEU B 121 -14.09 -1.79 34.98
CA LEU B 121 -15.33 -2.18 34.31
C LEU B 121 -16.31 -2.63 35.39
N LYS B 122 -17.23 -1.75 35.74
CA LYS B 122 -18.19 -2.03 36.80
C LYS B 122 -19.08 -3.20 36.44
N ARG B 123 -19.69 -3.14 35.25
CA ARG B 123 -20.52 -4.25 34.72
C ARG B 123 -20.78 -4.05 33.24
N HIS B 124 -21.41 -5.03 32.59
CA HIS B 124 -21.76 -4.94 31.17
C HIS B 124 -23.03 -5.66 30.85
N PHE B 125 -23.66 -5.28 29.73
CA PHE B 125 -24.96 -5.87 29.35
C PHE B 125 -25.32 -5.62 27.88
N MET B 126 -26.33 -6.34 27.39
CA MET B 126 -26.94 -6.03 26.10
C MET B 126 -28.14 -5.11 26.27
N PHE B 127 -28.26 -4.12 25.39
CA PHE B 127 -29.41 -3.24 25.40
C PHE B 127 -29.68 -2.84 23.96
N ARG B 128 -30.89 -3.08 23.49
CA ARG B 128 -31.30 -2.66 22.14
C ARG B 128 -30.29 -3.09 21.08
N ASN B 129 -29.77 -4.30 21.28
CA ASN B 129 -28.79 -4.93 20.40
C ASN B 129 -27.39 -4.32 20.45
N HIS B 130 -27.14 -3.46 21.43
CA HIS B 130 -25.79 -2.97 21.66
C HIS B 130 -25.24 -3.55 22.92
N LEU B 131 -24.04 -4.12 22.84
CA LEU B 131 -23.28 -4.42 24.05
C LEU B 131 -22.84 -3.10 24.65
N CYS B 132 -23.02 -2.98 25.96
CA CYS B 132 -22.67 -1.79 26.69
C CYS B 132 -21.71 -2.13 27.83
N LEU B 133 -20.61 -1.40 27.93
CA LEU B 133 -19.69 -1.56 29.03
C LEU B 133 -19.81 -0.35 29.95
N VAL B 134 -20.23 -0.59 31.20
CA VAL B 134 -20.30 0.46 32.22
C VAL B 134 -18.94 0.62 32.91
N PHE B 135 -18.40 1.84 32.88
CA PHE B 135 -17.12 2.14 33.53
C PHE B 135 -17.31 3.15 34.61
N GLU B 136 -16.40 3.13 35.60
CA GLU B 136 -16.26 4.24 36.53
C GLU B 136 -16.10 5.53 35.71
N MET B 137 -16.71 6.62 36.15
CA MET B 137 -16.54 7.91 35.46
C MET B 137 -15.16 8.47 35.79
N LEU B 138 -14.47 8.96 34.76
CA LEU B 138 -13.17 9.60 34.94
C LEU B 138 -13.24 11.01 34.33
N SER B 139 -12.11 11.71 34.35
CA SER B 139 -12.04 13.08 33.83
C SER B 139 -11.37 13.15 32.44
N TYR B 140 -10.72 14.28 32.14
CA TYR B 140 -10.05 14.51 30.85
C TYR B 140 -9.11 13.39 30.42
N ASN B 141 -8.95 13.24 29.10
CA ASN B 141 -7.87 12.44 28.56
C ASN B 141 -6.72 13.36 28.22
N LEU B 142 -5.53 12.79 28.23
CA LEU B 142 -4.33 13.58 28.08
C LEU B 142 -4.30 14.45 26.81
N TYR B 143 -5.00 14.08 25.74
CA TYR B 143 -5.11 15.00 24.60
C TYR B 143 -5.93 16.23 24.98
N ASP B 144 -7.13 15.99 25.50
CA ASP B 144 -7.95 17.10 25.92
C ASP B 144 -7.11 18.01 26.81
N LEU B 145 -6.29 17.40 27.66
CA LEU B 145 -5.43 18.17 28.58
C LEU B 145 -4.46 19.04 27.81
N LEU B 146 -3.77 18.46 26.85
CA LEU B 146 -2.88 19.22 25.98
C LEU B 146 -3.59 20.38 25.32
N ARG B 147 -4.80 20.13 24.82
CA ARG B 147 -5.53 21.15 24.07
C ARG B 147 -5.95 22.30 24.96
N ASN B 148 -6.31 21.99 26.21
CA ASN B 148 -6.73 23.01 27.16
C ASN B 148 -5.60 23.99 27.49
N THR B 149 -4.36 23.54 27.36
CA THR B 149 -3.21 24.42 27.47
C THR B 149 -2.66 24.77 26.08
N ASN B 150 -3.58 25.05 25.16
CA ASN B 150 -3.25 25.47 23.79
C ASN B 150 -2.02 24.83 23.14
N PHE B 151 -1.78 23.56 23.43
CA PHE B 151 -0.65 22.79 22.89
C PHE B 151 0.70 23.40 23.15
N ARG B 152 0.86 24.04 24.29
CA ARG B 152 2.18 24.48 24.72
C ARG B 152 2.84 23.36 25.53
N GLY B 153 2.02 22.36 25.89
CA GLY B 153 2.49 21.15 26.55
C GLY B 153 2.44 21.30 28.05
N VAL B 154 2.36 20.19 28.77
CA VAL B 154 2.42 20.23 30.22
C VAL B 154 3.86 20.29 30.69
N SER B 155 4.02 20.60 31.99
CA SER B 155 5.33 20.70 32.61
C SER B 155 6.05 19.37 32.64
N LEU B 156 7.35 19.45 32.81
CA LEU B 156 8.18 18.27 32.87
C LEU B 156 7.88 17.49 34.15
N ASN B 157 7.74 18.20 35.27
CA ASN B 157 7.39 17.55 36.54
C ASN B 157 6.18 16.66 36.33
N LEU B 158 5.17 17.21 35.67
CA LEU B 158 3.91 16.52 35.44
C LEU B 158 4.09 15.39 34.42
N THR B 159 4.83 15.65 33.34
CA THR B 159 5.17 14.61 32.37
C THR B 159 5.82 13.43 33.07
N ARG B 160 6.66 13.73 34.06
CA ARG B 160 7.27 12.69 34.87
C ARG B 160 6.23 11.92 35.65
N LYS B 161 5.30 12.65 36.28
CA LYS B 161 4.28 12.00 37.09
C LYS B 161 3.54 10.96 36.22
N PHE B 162 3.09 11.37 35.03
CA PHE B 162 2.41 10.44 34.10
C PHE B 162 3.35 9.30 33.73
N ALA B 163 4.61 9.66 33.50
CA ALA B 163 5.60 8.69 33.09
C ALA B 163 5.66 7.54 34.09
N GLN B 164 5.75 7.89 35.36
CA GLN B 164 5.93 6.89 36.40
C GLN B 164 4.70 6.00 36.53
N GLN B 165 3.53 6.62 36.43
CA GLN B 165 2.28 5.88 36.54
C GLN B 165 2.22 4.85 35.43
N MET B 166 2.31 5.33 34.18
CA MET B 166 2.26 4.45 33.01
C MET B 166 3.23 3.28 33.10
N CYS B 167 4.41 3.54 33.66
CA CYS B 167 5.41 2.48 33.77
C CYS B 167 4.96 1.39 34.71
N THR B 168 4.49 1.77 35.90
CA THR B 168 3.91 0.78 36.81
C THR B 168 2.78 0.03 36.12
N ALA B 169 1.96 0.77 35.40
CA ALA B 169 0.88 0.18 34.63
C ALA B 169 1.39 -0.93 33.71
N LEU B 170 2.40 -0.62 32.91
CA LEU B 170 2.91 -1.60 31.94
C LEU B 170 3.54 -2.81 32.64
N LEU B 171 4.09 -2.59 33.84
CA LEU B 171 4.61 -3.69 34.65
C LEU B 171 3.48 -4.58 35.15
N PHE B 172 2.33 -3.97 35.43
CA PHE B 172 1.15 -4.73 35.78
C PHE B 172 0.73 -5.64 34.63
N LEU B 173 0.63 -5.07 33.44
CA LEU B 173 0.26 -5.83 32.25
C LEU B 173 1.29 -6.92 31.96
N ALA B 174 2.53 -6.71 32.42
CA ALA B 174 3.59 -7.68 32.23
C ALA B 174 3.45 -8.93 33.08
N THR B 175 2.79 -8.84 34.23
CA THR B 175 2.67 -10.02 35.12
C THR B 175 2.25 -11.25 34.31
N PRO B 176 2.98 -12.38 34.47
CA PRO B 176 2.82 -13.56 33.62
C PRO B 176 1.39 -13.99 33.35
N GLU B 177 0.54 -13.95 34.39
CA GLU B 177 -0.84 -14.41 34.25
C GLU B 177 -1.69 -13.53 33.33
N LEU B 178 -1.27 -12.29 33.10
CA LEU B 178 -1.98 -11.38 32.21
C LEU B 178 -1.31 -11.35 30.85
N SER B 179 -0.05 -10.92 30.85
CA SER B 179 0.73 -10.76 29.62
C SER B 179 -0.11 -10.05 28.55
N ILE B 180 -0.53 -8.83 28.85
CA ILE B 180 -1.42 -8.11 27.97
C ILE B 180 -0.69 -7.03 27.19
N ILE B 181 -0.89 -7.03 25.88
CA ILE B 181 -0.49 -5.92 25.02
C ILE B 181 -1.71 -5.04 24.74
N HIS B 182 -1.61 -3.77 25.07
CA HIS B 182 -2.71 -2.84 24.88
C HIS B 182 -2.96 -2.61 23.43
N CYS B 183 -1.89 -2.32 22.70
CA CYS B 183 -1.90 -2.17 21.24
C CYS B 183 -2.53 -0.88 20.72
N ASP B 184 -2.78 0.10 21.59
CA ASP B 184 -3.30 1.39 21.15
C ASP B 184 -3.10 2.45 22.21
N LEU B 185 -1.92 2.48 22.83
CA LEU B 185 -1.64 3.53 23.77
C LEU B 185 -1.49 4.80 22.98
N LYS B 186 -1.95 5.89 23.59
CA LYS B 186 -2.05 7.20 22.96
C LYS B 186 -2.82 8.09 23.90
N PRO B 187 -2.65 9.41 23.76
CA PRO B 187 -3.16 10.35 24.76
C PRO B 187 -4.67 10.26 25.01
N GLU B 188 -5.41 9.88 23.98
CA GLU B 188 -6.83 9.76 24.13
C GLU B 188 -7.22 8.63 25.05
N ASN B 189 -6.38 7.60 25.14
CA ASN B 189 -6.65 6.44 25.98
C ASN B 189 -6.02 6.48 27.38
N ILE B 190 -5.41 7.60 27.73
CA ILE B 190 -4.94 7.82 29.08
C ILE B 190 -5.79 8.93 29.65
N LEU B 191 -6.56 8.60 30.69
CA LEU B 191 -7.48 9.55 31.31
C LEU B 191 -7.12 9.89 32.74
N LEU B 192 -7.37 11.16 33.10
CA LEU B 192 -7.27 11.65 34.46
C LEU B 192 -8.44 11.12 35.29
N CYS B 193 -8.16 10.64 36.50
CA CYS B 193 -9.21 10.30 37.45
C CYS B 193 -9.91 11.55 37.95
N ASN B 194 -9.19 12.66 38.00
CA ASN B 194 -9.72 13.87 38.57
C ASN B 194 -9.11 15.10 37.90
N PRO B 195 -9.96 16.08 37.54
CA PRO B 195 -9.59 17.18 36.66
C PRO B 195 -8.59 18.15 37.24
N LYS B 196 -8.61 18.33 38.57
CA LYS B 196 -7.65 19.19 39.23
C LYS B 196 -6.50 18.37 39.83
N ARG B 197 -6.31 17.13 39.37
CA ARG B 197 -5.26 16.26 39.93
C ARG B 197 -4.35 15.68 38.85
N SEP B 198 -3.52 14.70 39.22
CA SEP B 198 -2.55 14.09 38.28
CB SEP B 198 -1.12 14.44 38.71
OG SEP B 198 -0.93 14.20 40.12
C SEP B 198 -2.68 12.56 38.16
O SEP B 198 -1.94 11.93 37.39
N ALA B 199 -3.59 11.97 38.91
CA ALA B 199 -3.73 10.52 38.96
C ALA B 199 -4.54 10.08 37.77
N ILE B 200 -4.11 8.97 37.15
CA ILE B 200 -4.63 8.57 35.84
C ILE B 200 -4.81 7.05 35.68
N LYS B 201 -5.60 6.67 34.68
CA LYS B 201 -5.84 5.27 34.36
C LYS B 201 -5.89 5.05 32.85
N ILE B 202 -5.56 3.84 32.41
CA ILE B 202 -5.58 3.50 30.97
C ILE B 202 -6.97 3.00 30.58
N VAL B 203 -7.38 3.26 29.34
CA VAL B 203 -8.68 2.80 28.86
C VAL B 203 -8.61 2.25 27.45
N ASP B 204 -9.72 1.62 27.03
CA ASP B 204 -9.91 1.10 25.66
C ASP B 204 -8.98 -0.07 25.39
N PHE B 205 -9.46 -1.28 25.68
CA PHE B 205 -8.67 -2.47 25.41
C PHE B 205 -9.24 -3.20 24.21
N GLY B 206 -9.93 -2.45 23.35
CA GLY B 206 -10.56 -2.99 22.16
C GLY B 206 -9.59 -3.69 21.23
N SER B 207 -8.37 -3.20 21.11
CA SER B 207 -7.39 -3.76 20.20
C SER B 207 -6.56 -4.81 20.92
N SER B 208 -6.65 -4.82 22.24
CA SER B 208 -5.68 -5.53 23.07
C SER B 208 -5.76 -7.04 22.90
N CYS B 209 -4.73 -7.71 23.39
CA CYS B 209 -4.62 -9.15 23.30
C CYS B 209 -3.53 -9.62 24.23
N GLN B 210 -3.55 -10.91 24.51
CA GLN B 210 -2.50 -11.54 25.31
C GLN B 210 -1.40 -12.04 24.38
N LEU B 211 -0.19 -12.13 24.93
CA LEU B 211 0.94 -12.67 24.20
C LEU B 211 0.56 -14.03 23.63
N GLY B 212 1.11 -14.37 22.48
CA GLY B 212 0.77 -15.61 21.81
C GLY B 212 -0.55 -15.51 21.05
N GLN B 213 -1.62 -15.15 21.76
CA GLN B 213 -2.95 -14.94 21.15
C GLN B 213 -3.07 -13.65 20.33
N ARG B 214 -2.06 -13.39 19.49
CA ARG B 214 -2.02 -12.20 18.62
C ARG B 214 -2.74 -12.46 17.32
N ILE B 215 -3.76 -11.67 17.04
CA ILE B 215 -4.61 -11.93 15.87
C ILE B 215 -4.79 -10.73 14.93
N TYR B 216 -3.92 -9.73 14.98
CA TYR B 216 -3.96 -8.60 14.04
C TYR B 216 -2.56 -8.10 13.72
N GLN B 217 -2.35 -7.64 12.50
CA GLN B 217 -1.05 -7.09 12.06
C GLN B 217 -0.98 -5.57 11.87
N PTR B 218 -2.14 -4.93 11.74
CA PTR B 218 -2.28 -3.49 11.56
C PTR B 218 -2.83 -2.99 12.84
O PTR B 218 -4.05 -2.82 12.98
CB PTR B 218 -3.32 -3.19 10.48
CG PTR B 218 -3.43 -1.75 10.02
CD1 PTR B 218 -2.40 -1.20 9.26
CD2 PTR B 218 -4.55 -0.98 10.28
CE1 PTR B 218 -2.48 0.11 8.80
CE2 PTR B 218 -4.64 0.33 9.80
CZ PTR B 218 -3.59 0.90 9.06
OH PTR B 218 -3.65 2.18 8.55
P PTR B 218 -3.39 3.54 9.35
O1P PTR B 218 -4.40 4.43 8.67
O2P PTR B 218 -3.76 3.23 10.78
O3P PTR B 218 -1.93 3.83 9.09
N ILE B 219 -1.96 -2.75 13.80
CA ILE B 219 -2.36 -2.29 15.12
C ILE B 219 -1.63 -1.01 15.48
N GLN B 220 -2.08 -0.38 16.55
CA GLN B 220 -1.49 0.88 17.06
C GLN B 220 -1.89 2.04 16.16
N SER B 221 -2.29 3.15 16.77
CA SER B 221 -2.50 4.38 16.04
C SER B 221 -1.19 4.81 15.39
N ARG B 222 -1.25 5.28 14.15
CA ARG B 222 -0.05 5.45 13.32
C ARG B 222 1.09 6.23 14.00
N PHE B 223 0.80 7.38 14.61
CA PHE B 223 1.86 8.18 15.27
C PHE B 223 2.62 7.38 16.34
N TYR B 224 1.87 6.52 17.02
CA TYR B 224 2.33 5.81 18.18
C TYR B 224 2.69 4.38 17.83
N ARG B 225 2.70 4.08 16.53
CA ARG B 225 3.00 2.72 16.05
C ARG B 225 4.48 2.47 16.11
N SER B 226 4.82 1.24 16.49
CA SER B 226 6.19 0.83 16.68
C SER B 226 6.82 0.50 15.34
N PRO B 227 8.15 0.37 15.32
CA PRO B 227 8.78 -0.01 14.07
C PRO B 227 8.50 -1.47 13.74
N GLU B 228 8.50 -2.32 14.77
CA GLU B 228 8.31 -3.75 14.52
C GLU B 228 6.99 -3.98 13.83
N VAL B 229 5.97 -3.24 14.24
CA VAL B 229 4.65 -3.38 13.62
C VAL B 229 4.67 -2.87 12.18
N LEU B 230 5.23 -1.69 11.99
CA LEU B 230 5.41 -1.10 10.64
C LEU B 230 6.14 -2.04 9.68
N LEU B 231 7.20 -2.66 10.19
CA LEU B 231 8.03 -3.57 9.41
C LEU B 231 7.37 -4.93 9.18
N GLY B 232 6.22 -5.14 9.78
CA GLY B 232 5.48 -6.39 9.60
C GLY B 232 6.18 -7.56 10.29
N MET B 233 6.87 -7.25 11.35
CA MET B 233 7.50 -8.25 12.18
C MET B 233 6.51 -8.68 13.27
N PRO B 234 6.80 -9.79 13.96
CA PRO B 234 5.99 -10.17 15.10
C PRO B 234 6.36 -9.31 16.30
N TYR B 235 5.41 -9.15 17.22
CA TYR B 235 5.51 -8.13 18.26
C TYR B 235 5.10 -8.65 19.62
N ASP B 236 5.52 -7.94 20.67
CA ASP B 236 5.20 -8.33 22.04
C ASP B 236 4.84 -7.10 22.89
N LEU B 237 4.96 -7.24 24.21
CA LEU B 237 4.65 -6.13 25.10
C LEU B 237 5.49 -4.89 24.81
N ALA B 238 6.66 -5.08 24.21
CA ALA B 238 7.56 -3.97 23.90
C ALA B 238 6.89 -2.84 23.12
N ILE B 239 5.90 -3.15 22.28
CA ILE B 239 5.34 -2.13 21.40
C ILE B 239 4.62 -1.04 22.18
N ASP B 240 4.07 -1.37 23.34
CA ASP B 240 3.43 -0.35 24.16
C ASP B 240 4.46 0.65 24.71
N MET B 241 5.63 0.15 25.11
CA MET B 241 6.67 1.03 25.62
C MET B 241 7.01 2.08 24.57
N TRP B 242 7.13 1.64 23.32
CA TRP B 242 7.36 2.56 22.21
C TRP B 242 6.33 3.65 22.20
N SER B 243 5.07 3.26 22.19
CA SER B 243 4.01 4.23 22.13
C SER B 243 4.14 5.22 23.30
N LEU B 244 4.44 4.69 24.49
CA LEU B 244 4.62 5.53 25.67
C LEU B 244 5.72 6.55 25.46
N GLY B 245 6.79 6.16 24.76
CA GLY B 245 7.85 7.11 24.46
C GLY B 245 7.26 8.30 23.72
N CYS B 246 6.59 8.02 22.62
CA CYS B 246 6.04 9.07 21.78
C CYS B 246 5.01 9.90 22.50
N ILE B 247 4.34 9.27 23.46
CA ILE B 247 3.31 9.96 24.23
C ILE B 247 3.96 10.99 25.14
N LEU B 248 4.89 10.53 25.96
CA LEU B 248 5.54 11.39 26.94
C LEU B 248 6.14 12.62 26.26
N VAL B 249 6.87 12.42 25.18
CA VAL B 249 7.46 13.55 24.46
C VAL B 249 6.36 14.51 24.02
N GLU B 250 5.33 13.97 23.39
CA GLU B 250 4.23 14.79 22.93
C GLU B 250 3.61 15.59 24.07
N MET B 251 3.41 14.92 25.20
CA MET B 251 2.81 15.55 26.36
C MET B 251 3.57 16.79 26.79
N HIS B 252 4.89 16.77 26.61
CA HIS B 252 5.69 17.92 27.00
C HIS B 252 5.90 18.90 25.90
N THR B 253 6.02 18.42 24.67
CA THR B 253 6.28 19.29 23.53
C THR B 253 5.02 19.94 23.00
N GLY B 254 3.88 19.31 23.25
CA GLY B 254 2.58 19.86 22.83
C GLY B 254 2.12 19.33 21.49
N GLU B 255 2.82 18.32 20.97
CA GLU B 255 2.77 18.02 19.55
C GLU B 255 3.47 16.69 19.30
N PRO B 256 2.88 15.84 18.46
CA PRO B 256 3.33 14.46 18.39
C PRO B 256 4.71 14.37 17.77
N LEU B 257 5.44 13.33 18.13
CA LEU B 257 6.87 13.29 17.82
C LEU B 257 7.09 12.74 16.43
N PHE B 258 6.29 11.72 16.06
CA PHE B 258 6.38 11.14 14.75
C PHE B 258 5.02 11.23 14.11
N SER B 259 4.78 12.28 13.34
CA SER B 259 3.43 12.61 12.89
C SER B 259 3.18 12.10 11.48
N GLY B 260 3.37 10.81 11.24
CA GLY B 260 3.27 10.27 9.89
C GLY B 260 1.88 10.43 9.32
N ALA B 261 1.80 10.76 8.03
CA ALA B 261 0.54 10.82 7.29
C ALA B 261 0.18 9.42 6.83
N ASN B 262 1.18 8.57 6.74
CA ASN B 262 0.98 7.22 6.29
C ASN B 262 2.18 6.39 6.67
N GLU B 263 2.10 5.07 6.48
CA GLU B 263 3.17 4.19 6.95
C GLU B 263 4.56 4.64 6.47
N VAL B 264 4.71 4.82 5.16
CA VAL B 264 5.97 5.29 4.61
C VAL B 264 6.42 6.61 5.19
N ASP B 265 5.51 7.57 5.30
CA ASP B 265 5.86 8.86 5.93
C ASP B 265 6.26 8.63 7.39
N GLN B 266 5.49 7.79 8.08
CA GLN B 266 5.74 7.49 9.49
C GLN B 266 7.14 6.92 9.68
N MET B 267 7.50 5.95 8.85
CA MET B 267 8.79 5.32 8.98
C MET B 267 9.90 6.31 8.73
N ASN B 268 9.76 7.14 7.70
CA ASN B 268 10.77 8.18 7.43
C ASN B 268 10.96 9.14 8.59
N LYS B 269 9.86 9.52 9.23
CA LYS B 269 9.92 10.50 10.30
C LYS B 269 10.63 9.91 11.51
N ILE B 270 10.47 8.59 11.69
CA ILE B 270 11.22 7.87 12.70
C ILE B 270 12.68 7.83 12.31
N VAL B 271 12.95 7.60 11.03
CA VAL B 271 14.34 7.56 10.59
C VAL B 271 15.01 8.92 10.80
N GLU B 272 14.24 10.00 10.67
CA GLU B 272 14.77 11.36 10.82
C GLU B 272 15.44 11.57 12.17
N VAL B 273 14.79 11.04 13.19
CA VAL B 273 15.27 11.17 14.54
C VAL B 273 16.22 10.04 14.93
N LEU B 274 15.98 8.82 14.47
CA LEU B 274 16.71 7.68 15.03
C LEU B 274 17.62 6.97 14.04
N GLY B 275 17.59 7.40 12.77
CA GLY B 275 18.45 6.82 11.76
C GLY B 275 17.86 5.58 11.12
N ILE B 276 18.62 5.00 10.21
CA ILE B 276 18.25 3.71 9.60
C ILE B 276 18.26 2.67 10.71
N PRO B 277 17.31 1.73 10.68
CA PRO B 277 17.35 0.77 11.77
C PRO B 277 18.45 -0.23 11.52
N PRO B 278 18.67 -1.13 12.48
CA PRO B 278 19.81 -2.03 12.38
C PRO B 278 19.68 -3.13 11.32
N ALA B 279 20.83 -3.52 10.79
CA ALA B 279 20.96 -4.65 9.88
C ALA B 279 20.12 -5.85 10.33
N HIS B 280 20.38 -6.31 11.55
CA HIS B 280 19.81 -7.57 12.02
C HIS B 280 18.33 -7.54 12.16
N ILE B 281 17.75 -6.35 12.23
CA ILE B 281 16.29 -6.22 12.23
C ILE B 281 15.74 -6.21 10.81
N LEU B 282 16.22 -5.27 9.99
CA LEU B 282 15.77 -5.15 8.60
C LEU B 282 16.00 -6.44 7.81
N ASP B 283 17.09 -7.14 8.09
CA ASP B 283 17.32 -8.47 7.51
C ASP B 283 16.13 -9.43 7.75
N GLN B 284 15.47 -9.32 8.89
CA GLN B 284 14.41 -10.24 9.28
C GLN B 284 13.02 -9.66 9.10
N ALA B 285 12.95 -8.45 8.53
CA ALA B 285 11.68 -7.73 8.45
C ALA B 285 11.01 -7.95 7.10
N PRO B 286 9.83 -8.58 7.10
CA PRO B 286 9.14 -8.80 5.82
C PRO B 286 8.98 -7.51 5.02
N LYS B 287 8.45 -6.48 5.65
CA LYS B 287 8.12 -5.24 4.94
C LYS B 287 9.32 -4.27 4.85
N ALA B 288 10.50 -4.73 5.21
CA ALA B 288 11.71 -3.90 5.12
C ALA B 288 11.89 -3.23 3.74
N ARG B 289 11.40 -3.83 2.68
CA ARG B 289 11.57 -3.24 1.35
C ARG B 289 10.52 -2.18 0.98
N LYS B 290 9.52 -1.97 1.84
CA LYS B 290 8.55 -0.90 1.67
C LYS B 290 9.20 0.45 1.87
N PHE B 291 10.18 0.46 2.78
CA PHE B 291 10.82 1.69 3.23
C PHE B 291 12.29 1.80 2.87
N PHE B 292 13.00 0.68 2.80
CA PHE B 292 14.46 0.68 2.66
C PHE B 292 14.91 -0.19 1.52
N GLU B 293 16.19 -0.12 1.21
CA GLU B 293 16.79 -1.08 0.29
C GLU B 293 18.16 -1.50 0.81
N LYS B 294 18.57 -2.72 0.42
CA LYS B 294 19.82 -3.31 0.84
C LYS B 294 20.83 -3.13 -0.27
N LEU B 295 21.93 -2.44 0.04
CA LEU B 295 22.98 -2.18 -0.93
C LEU B 295 23.80 -3.47 -1.09
N PRO B 296 24.58 -3.59 -2.18
CA PRO B 296 25.39 -4.79 -2.41
C PRO B 296 26.11 -5.30 -1.14
N ASP B 297 26.75 -4.36 -0.44
CA ASP B 297 27.56 -4.63 0.75
C ASP B 297 26.79 -5.01 2.03
N GLY B 298 25.49 -5.26 1.92
CA GLY B 298 24.71 -5.72 3.06
C GLY B 298 24.24 -4.64 4.01
N THR B 299 24.59 -3.38 3.73
CA THR B 299 24.14 -2.25 4.55
C THR B 299 22.84 -1.68 3.97
N TRP B 300 22.01 -1.06 4.79
CA TRP B 300 20.70 -0.57 4.35
C TRP B 300 20.62 0.93 4.27
N ASN B 301 20.04 1.45 3.18
CA ASN B 301 19.68 2.86 3.07
C ASN B 301 18.17 3.00 3.02
N LEU B 302 17.69 4.24 2.93
CA LEU B 302 16.30 4.50 2.58
C LEU B 302 16.13 4.32 1.08
N LYS B 303 14.96 3.83 0.66
CA LYS B 303 14.67 3.68 -0.76
C LYS B 303 15.01 4.94 -1.54
N LYS B 304 15.56 4.75 -2.73
CA LYS B 304 15.89 5.90 -3.60
C LYS B 304 14.59 6.67 -3.93
N THR B 305 14.71 7.98 -4.12
CA THR B 305 13.55 8.86 -4.29
C THR B 305 13.57 9.65 -5.58
N LYS B 306 12.37 9.91 -6.11
CA LYS B 306 12.18 10.50 -7.44
C LYS B 306 13.12 11.68 -7.74
N ASP B 307 13.61 11.70 -8.98
CA ASP B 307 14.64 12.63 -9.44
C ASP B 307 14.41 14.04 -8.93
N GLY B 308 15.16 14.44 -7.90
CA GLY B 308 15.13 15.82 -7.39
C GLY B 308 14.38 16.03 -6.09
N LYS B 309 13.45 15.14 -5.75
CA LYS B 309 12.61 15.34 -4.56
C LYS B 309 13.46 15.24 -3.26
N ARG B 310 13.41 16.32 -2.47
CA ARG B 310 13.89 16.33 -1.07
C ARG B 310 12.72 16.62 -0.15
N GLU B 311 12.45 15.71 0.78
CA GLU B 311 11.34 15.91 1.71
C GLU B 311 11.72 15.71 3.16
N TYR B 312 12.70 14.86 3.46
CA TYR B 312 13.03 14.56 4.86
C TYR B 312 14.39 15.07 5.23
N LYS B 313 14.63 15.22 6.53
CA LYS B 313 15.97 15.54 6.99
C LYS B 313 16.79 14.27 6.93
N PRO B 314 18.10 14.41 6.75
CA PRO B 314 18.91 13.21 6.67
C PRO B 314 18.82 12.37 7.94
N PRO B 315 18.86 11.05 7.78
CA PRO B 315 18.75 10.12 8.90
C PRO B 315 19.52 10.51 10.16
N GLY B 316 18.82 10.69 11.27
CA GLY B 316 19.44 11.00 12.55
C GLY B 316 19.82 12.46 12.78
N THR B 317 19.52 13.32 11.81
CA THR B 317 19.86 14.75 11.89
C THR B 317 18.70 15.60 12.41
N ARG B 318 17.74 14.94 13.05
CA ARG B 318 16.70 15.63 13.79
C ARG B 318 16.82 15.12 15.23
N LYS B 319 17.82 15.64 15.92
CA LYS B 319 18.23 15.07 17.19
C LYS B 319 17.18 15.41 18.22
N LEU B 320 16.69 14.39 18.92
CA LEU B 320 15.68 14.58 19.98
C LEU B 320 16.12 15.70 20.93
N HIS B 321 17.42 15.72 21.20
CA HIS B 321 18.08 16.73 22.00
C HIS B 321 17.65 18.14 21.71
N ASN B 322 17.25 18.45 20.46
CA ASN B 322 16.75 19.79 20.15
C ASN B 322 15.24 19.88 20.07
N ILE B 323 14.57 18.81 19.65
CA ILE B 323 13.11 18.83 19.71
C ILE B 323 12.70 19.14 21.14
N LEU B 324 13.35 18.48 22.10
CA LEU B 324 13.12 18.73 23.52
C LEU B 324 13.64 20.07 23.97
N GLY B 325 14.63 20.62 23.29
CA GLY B 325 15.20 21.91 23.68
C GLY B 325 16.02 21.83 24.97
N VAL B 326 16.73 20.72 25.15
CA VAL B 326 17.53 20.42 26.35
C VAL B 326 18.37 21.60 26.83
N GLU B 327 19.15 22.17 25.91
CA GLU B 327 20.06 23.26 26.27
C GLU B 327 19.52 24.63 25.86
N THR B 328 18.29 24.69 25.37
CA THR B 328 17.72 25.94 24.89
C THR B 328 16.37 26.27 25.49
N GLY B 329 16.20 25.98 26.78
CA GLY B 329 14.99 26.38 27.50
C GLY B 329 13.76 25.54 27.19
N GLY B 330 13.98 24.26 26.87
CA GLY B 330 12.89 23.33 26.62
C GLY B 330 12.21 23.59 25.29
N PRO B 331 11.18 22.81 24.98
CA PRO B 331 10.51 22.87 23.70
C PRO B 331 10.15 24.30 23.29
N GLY B 332 10.70 24.75 22.16
CA GLY B 332 10.42 26.09 21.64
C GLY B 332 10.93 27.19 22.55
N GLY B 333 11.84 26.82 23.44
CA GLY B 333 12.32 27.71 24.47
C GLY B 333 11.24 28.19 25.41
N ARG B 334 10.13 27.46 25.47
CA ARG B 334 8.98 27.93 26.21
C ARG B 334 9.11 27.66 27.72
N ARG B 335 10.14 26.94 28.13
CA ARG B 335 10.44 26.77 29.55
C ARG B 335 11.58 27.65 30.03
N ALA B 336 12.05 28.56 29.17
CA ALA B 336 13.19 29.41 29.50
C ALA B 336 12.96 30.00 30.87
N GLY B 337 13.91 29.77 31.79
CA GLY B 337 13.84 30.29 33.16
C GLY B 337 12.63 29.87 33.98
N GLU B 338 12.39 28.56 34.07
CA GLU B 338 11.35 28.01 34.92
C GLU B 338 11.95 27.05 35.94
N SER B 339 11.38 27.06 37.13
CA SER B 339 11.64 26.01 38.11
C SER B 339 11.33 24.64 37.52
N GLY B 340 12.14 23.64 37.88
CA GLY B 340 11.84 22.24 37.55
C GLY B 340 12.06 21.81 36.12
N HIS B 341 12.76 22.65 35.36
CA HIS B 341 13.11 22.36 33.97
C HIS B 341 14.57 22.67 33.77
N THR B 342 15.41 21.98 34.56
CA THR B 342 16.84 22.17 34.48
C THR B 342 17.38 21.34 33.31
N VAL B 343 18.52 21.76 32.77
CA VAL B 343 19.20 21.03 31.71
C VAL B 343 19.56 19.61 32.18
N ALA B 344 20.13 19.53 33.37
CA ALA B 344 20.40 18.25 34.00
C ALA B 344 19.18 17.34 33.94
N ASP B 345 18.01 17.89 34.26
CA ASP B 345 16.72 17.15 34.20
C ASP B 345 16.38 16.67 32.80
N TYR B 346 16.37 17.60 31.84
CA TYR B 346 16.09 17.28 30.44
C TYR B 346 16.98 16.16 29.89
N LEU B 347 18.25 16.19 30.26
CA LEU B 347 19.17 15.12 29.92
C LEU B 347 18.66 13.77 30.44
N LYS B 348 18.32 13.73 31.73
CA LYS B 348 17.79 12.51 32.33
C LYS B 348 16.60 12.02 31.52
N PHE B 349 15.76 12.97 31.12
CA PHE B 349 14.55 12.66 30.38
C PHE B 349 14.87 12.09 29.00
N LYS B 350 15.66 12.83 28.22
CA LYS B 350 16.12 12.38 26.89
C LYS B 350 16.57 10.93 26.89
N ASP B 351 17.33 10.56 27.91
CA ASP B 351 17.89 9.22 27.99
C ASP B 351 16.83 8.17 28.15
N LEU B 352 15.86 8.43 29.02
CA LEU B 352 14.78 7.48 29.21
C LEU B 352 14.05 7.22 27.89
N ILE B 353 13.48 8.28 27.31
CA ILE B 353 12.79 8.21 26.02
C ILE B 353 13.59 7.43 24.99
N LEU B 354 14.88 7.74 24.89
CA LEU B 354 15.71 7.08 23.90
C LEU B 354 15.78 5.59 24.11
N ARG B 355 15.72 5.12 25.36
CA ARG B 355 15.64 3.68 25.60
C ARG B 355 14.22 3.13 25.43
N MET B 356 13.21 4.00 25.50
CA MET B 356 11.87 3.58 25.11
C MET B 356 11.79 3.46 23.60
N LEU B 357 12.59 4.26 22.89
CA LEU B 357 12.53 4.24 21.42
C LEU B 357 13.63 3.41 20.77
N ASP B 358 14.08 2.38 21.47
CA ASP B 358 15.06 1.42 20.93
C ASP B 358 14.42 0.66 19.77
N TYR B 359 15.06 0.67 18.61
CA TYR B 359 14.54 -0.08 17.45
C TYR B 359 14.38 -1.56 17.73
N ASP B 360 15.21 -2.10 18.62
CA ASP B 360 15.24 -3.53 18.91
C ASP B 360 14.39 -3.81 20.13
N PRO B 361 13.26 -4.53 19.94
CA PRO B 361 12.31 -4.80 21.02
C PRO B 361 12.85 -5.77 22.09
N LYS B 362 13.86 -6.56 21.72
CA LYS B 362 14.54 -7.41 22.69
C LYS B 362 15.36 -6.60 23.69
N THR B 363 15.82 -5.41 23.30
CA THR B 363 16.66 -4.58 24.18
C THR B 363 16.02 -3.25 24.56
N ARG B 364 14.77 -3.04 24.17
CA ARG B 364 14.05 -1.82 24.55
C ARG B 364 13.71 -1.88 26.03
N ILE B 365 13.84 -0.72 26.69
CA ILE B 365 13.72 -0.67 28.13
C ILE B 365 12.40 -1.28 28.57
N GLN B 366 12.49 -2.12 29.59
CA GLN B 366 11.33 -2.79 30.18
C GLN B 366 10.93 -2.09 31.48
N PRO B 367 9.66 -2.22 31.87
CA PRO B 367 9.10 -1.39 32.94
C PRO B 367 9.88 -1.48 34.26
N TYR B 368 10.21 -2.69 34.68
CA TYR B 368 10.96 -2.89 35.92
C TYR B 368 12.19 -2.00 36.03
N TYR B 369 12.85 -1.79 34.91
CA TYR B 369 14.09 -1.01 34.86
C TYR B 369 13.80 0.46 34.58
N ALA B 370 12.82 0.71 33.73
CA ALA B 370 12.36 2.08 33.51
C ALA B 370 12.05 2.78 34.84
N LEU B 371 11.39 2.08 35.76
CA LEU B 371 11.06 2.66 37.07
C LEU B 371 12.30 2.94 37.92
N GLN B 372 13.40 2.23 37.67
CA GLN B 372 14.65 2.45 38.37
C GLN B 372 15.63 3.30 37.55
N HIS B 373 15.11 4.34 36.92
CA HIS B 373 15.90 5.22 36.07
C HIS B 373 16.04 6.55 36.74
N SER B 374 17.12 7.25 36.43
CA SER B 374 17.53 8.47 37.15
C SER B 374 16.50 9.60 37.05
N PHE B 375 15.67 9.55 36.02
CA PHE B 375 14.63 10.53 35.81
C PHE B 375 13.52 10.44 36.86
N PHE B 376 13.50 9.36 37.64
CA PHE B 376 12.53 9.19 38.73
C PHE B 376 13.17 9.27 40.12
N LYS B 377 14.49 9.48 40.18
CA LYS B 377 15.16 9.45 41.47
C LYS B 377 14.94 10.73 42.31
N LYS B 378 14.15 10.60 43.40
CA LYS B 378 13.92 11.71 44.33
C LYS B 378 15.09 11.89 45.29
N GLU C 29 17.72 -7.56 -17.84
CA GLU C 29 17.57 -6.57 -18.96
C GLU C 29 18.50 -5.28 -18.91
N ARG C 30 19.48 -5.19 -19.82
CA ARG C 30 20.37 -4.01 -19.95
C ARG C 30 20.62 -3.54 -21.39
N LYS C 31 19.87 -2.51 -21.84
CA LYS C 31 20.01 -1.95 -23.20
C LYS C 31 21.17 -0.96 -23.26
N VAL C 32 21.68 -0.66 -24.45
CA VAL C 32 22.70 0.40 -24.62
C VAL C 32 22.01 1.67 -25.11
N TYR C 33 22.09 2.73 -24.32
CA TYR C 33 21.37 3.97 -24.60
C TYR C 33 22.28 5.09 -25.14
N ASN C 34 21.99 5.58 -26.35
CA ASN C 34 22.71 6.68 -26.95
C ASN C 34 24.19 6.33 -27.19
N ASP C 35 24.44 5.21 -27.89
CA ASP C 35 25.80 4.67 -28.12
C ASP C 35 26.61 4.55 -26.81
N GLY C 36 25.91 4.21 -25.72
CA GLY C 36 26.55 4.05 -24.41
C GLY C 36 26.73 5.32 -23.59
N TYR C 37 26.36 6.47 -24.17
CA TYR C 37 26.57 7.76 -23.50
C TYR C 37 25.58 8.01 -22.36
N ASP C 38 24.35 7.52 -22.50
CA ASP C 38 23.29 7.74 -21.49
C ASP C 38 23.00 6.51 -20.66
N ASP C 39 22.43 6.74 -19.47
CA ASP C 39 21.92 5.67 -18.63
C ASP C 39 20.45 5.39 -18.99
N ASP C 40 19.75 4.66 -18.13
CA ASP C 40 18.36 4.26 -18.43
C ASP C 40 17.30 5.30 -18.03
N ASN C 41 17.74 6.39 -17.41
CA ASN C 41 16.85 7.50 -17.08
C ASN C 41 17.11 8.71 -17.97
N TYR C 42 17.62 8.46 -19.18
CA TYR C 42 17.95 9.52 -20.14
C TYR C 42 19.02 10.52 -19.70
N ASP C 43 19.71 10.25 -18.61
CA ASP C 43 20.78 11.14 -18.14
C ASP C 43 22.09 10.77 -18.83
N TYR C 44 22.91 11.78 -19.13
CA TYR C 44 24.24 11.52 -19.71
C TYR C 44 25.11 10.97 -18.59
N ILE C 45 25.75 9.83 -18.83
CA ILE C 45 26.59 9.21 -17.79
C ILE C 45 27.85 10.04 -17.61
N VAL C 46 27.85 10.90 -16.59
CA VAL C 46 28.97 11.80 -16.31
C VAL C 46 30.27 11.06 -16.02
N LYS C 47 31.35 11.48 -16.68
CA LYS C 47 32.68 10.92 -16.46
C LYS C 47 33.61 12.07 -16.12
N ASN C 48 34.28 11.97 -14.97
CA ASN C 48 35.18 13.04 -14.51
C ASN C 48 36.46 12.95 -15.31
N GLY C 49 36.92 14.10 -15.82
CA GLY C 49 38.13 14.14 -16.61
C GLY C 49 37.85 14.36 -18.08
N GLU C 50 36.68 13.93 -18.54
CA GLU C 50 36.29 14.07 -19.94
C GLU C 50 36.43 15.53 -20.38
N LYS C 51 36.98 15.72 -21.59
CA LYS C 51 37.12 17.04 -22.18
C LYS C 51 36.20 17.10 -23.39
N TRP C 52 35.20 17.97 -23.36
CA TRP C 52 34.32 18.15 -24.51
C TRP C 52 34.79 19.20 -25.44
N MET C 53 34.67 18.93 -26.74
CA MET C 53 34.79 19.95 -27.77
C MET C 53 36.09 20.75 -27.61
N ASP C 54 37.15 20.04 -27.23
CA ASP C 54 38.45 20.64 -26.92
C ASP C 54 38.34 21.94 -26.10
N ARG C 55 37.38 21.99 -25.17
CA ARG C 55 37.07 23.21 -24.43
C ARG C 55 36.74 22.96 -22.96
N TYR C 56 35.59 22.33 -22.70
CA TYR C 56 35.13 22.15 -21.32
C TYR C 56 35.71 20.86 -20.73
N GLU C 57 36.38 20.99 -19.59
CA GLU C 57 36.96 19.86 -18.88
C GLU C 57 36.07 19.56 -17.70
N ILE C 58 35.38 18.42 -17.73
CA ILE C 58 34.40 18.08 -16.71
C ILE C 58 35.06 17.62 -15.41
N ASP C 59 34.83 18.36 -14.33
CA ASP C 59 35.44 18.06 -13.04
C ASP C 59 34.63 17.02 -12.27
N SER C 60 33.38 17.35 -12.00
CA SER C 60 32.55 16.52 -11.13
C SER C 60 31.07 16.80 -11.29
N LEU C 61 30.25 15.83 -10.90
CA LEU C 61 28.80 16.05 -10.75
C LEU C 61 28.59 16.92 -9.54
N ILE C 62 27.80 17.98 -9.68
CA ILE C 62 27.45 18.80 -8.52
C ILE C 62 26.02 18.59 -8.07
N GLY C 63 25.11 18.23 -8.98
CA GLY C 63 23.73 17.93 -8.59
C GLY C 63 22.85 17.25 -9.62
N LYS C 64 21.89 16.47 -9.13
CA LYS C 64 20.85 15.82 -9.96
C LYS C 64 19.55 16.61 -9.85
N GLY C 65 18.53 16.16 -10.58
CA GLY C 65 17.23 16.83 -10.59
C GLY C 65 16.38 16.30 -11.72
N SER C 66 15.07 16.54 -11.67
CA SER C 66 14.14 16.00 -12.66
C SER C 66 14.51 16.38 -14.08
N PHE C 67 14.96 17.63 -14.23
CA PHE C 67 15.51 18.17 -15.49
C PHE C 67 16.71 17.38 -16.05
N GLY C 68 17.59 16.90 -15.16
CA GLY C 68 18.81 16.21 -15.57
C GLY C 68 19.90 16.26 -14.52
N GLN C 69 21.05 16.83 -14.88
CA GLN C 69 22.18 16.94 -13.96
C GLN C 69 22.85 18.27 -14.14
N VAL C 70 23.67 18.64 -13.17
CA VAL C 70 24.59 19.77 -13.34
C VAL C 70 25.99 19.32 -12.94
N VAL C 71 26.96 19.75 -13.75
CA VAL C 71 28.35 19.36 -13.59
C VAL C 71 29.23 20.60 -13.44
N LYS C 72 30.28 20.46 -12.64
CA LYS C 72 31.32 21.48 -12.52
C LYS C 72 32.33 21.24 -13.64
N ALA C 73 32.55 22.26 -14.48
CA ALA C 73 33.48 22.12 -15.60
C ALA C 73 34.32 23.36 -15.79
N TYR C 74 35.57 23.16 -16.21
CA TYR C 74 36.49 24.26 -16.49
C TYR C 74 36.51 24.57 -17.98
N ASP C 75 36.25 25.84 -18.30
CA ASP C 75 36.20 26.30 -19.67
C ASP C 75 37.57 26.85 -20.08
N ARG C 76 38.36 26.00 -20.70
CA ARG C 76 39.68 26.36 -21.23
C ARG C 76 39.70 27.69 -21.98
N VAL C 77 38.70 27.88 -22.84
CA VAL C 77 38.70 29.01 -23.76
C VAL C 77 38.47 30.34 -23.04
N GLU C 78 37.57 30.38 -22.07
CA GLU C 78 37.36 31.59 -21.29
C GLU C 78 38.13 31.59 -19.96
N GLN C 79 38.89 30.51 -19.71
CA GLN C 79 39.73 30.41 -18.52
C GLN C 79 38.94 30.65 -17.25
N GLU C 80 37.89 29.87 -17.04
CA GLU C 80 37.05 30.04 -15.87
C GLU C 80 36.22 28.80 -15.61
N TRP C 81 35.78 28.65 -14.37
CA TRP C 81 34.86 27.58 -14.03
C TRP C 81 33.48 27.91 -14.51
N VAL C 82 32.76 26.89 -14.96
CA VAL C 82 31.36 27.05 -15.33
C VAL C 82 30.59 25.87 -14.75
N ALA C 83 29.30 26.06 -14.57
CA ALA C 83 28.43 24.97 -14.18
C ALA C 83 27.54 24.68 -15.38
N ILE C 84 27.61 23.45 -15.88
CA ILE C 84 26.84 23.09 -17.06
C ILE C 84 25.69 22.18 -16.65
N LYS C 85 24.51 22.50 -17.16
CA LYS C 85 23.28 21.75 -16.87
C LYS C 85 22.96 20.85 -18.05
N ILE C 86 23.16 19.54 -17.88
CA ILE C 86 22.97 18.56 -18.94
C ILE C 86 21.54 18.04 -18.91
N ILE C 87 20.70 18.58 -19.79
CA ILE C 87 19.29 18.18 -19.87
C ILE C 87 19.17 16.71 -20.28
N LYS C 88 18.14 16.05 -19.76
CA LYS C 88 17.85 14.68 -20.15
C LYS C 88 17.68 14.61 -21.65
N ASN C 89 18.00 13.46 -22.23
CA ASN C 89 17.88 13.24 -23.69
C ASN C 89 16.49 12.67 -24.00
N LYS C 90 15.47 13.52 -23.86
CA LYS C 90 14.10 13.15 -24.20
C LYS C 90 13.29 14.39 -24.61
N LYS C 91 12.62 14.30 -25.76
CA LYS C 91 11.92 15.45 -26.38
C LYS C 91 11.13 16.26 -25.37
N ALA C 92 10.32 15.58 -24.57
CA ALA C 92 9.59 16.22 -23.49
C ALA C 92 10.46 17.21 -22.70
N PHE C 93 11.61 16.74 -22.23
CA PHE C 93 12.52 17.57 -21.43
C PHE C 93 13.26 18.63 -22.24
N LEU C 94 13.56 18.30 -23.49
CA LEU C 94 14.27 19.22 -24.37
C LEU C 94 13.39 20.44 -24.66
N ASN C 95 12.14 20.17 -25.01
CA ASN C 95 11.13 21.21 -25.26
C ASN C 95 10.99 22.16 -24.09
N GLN C 96 11.02 21.64 -22.89
CA GLN C 96 10.94 22.48 -21.73
C GLN C 96 12.21 23.33 -21.67
N ALA C 97 13.35 22.67 -21.66
CA ALA C 97 14.65 23.36 -21.60
C ALA C 97 14.77 24.51 -22.59
N GLN C 98 14.11 24.40 -23.74
CA GLN C 98 14.14 25.47 -24.74
C GLN C 98 13.39 26.72 -24.25
N ILE C 99 12.23 26.50 -23.63
CA ILE C 99 11.49 27.62 -23.04
C ILE C 99 12.33 28.28 -21.96
N GLU C 100 13.01 27.46 -21.16
CA GLU C 100 13.93 27.96 -20.13
C GLU C 100 14.97 28.86 -20.77
N VAL C 101 15.67 28.36 -21.77
CA VAL C 101 16.72 29.14 -22.45
C VAL C 101 16.20 30.50 -22.91
N ARG C 102 15.03 30.47 -23.57
CA ARG C 102 14.39 31.68 -24.08
C ARG C 102 14.18 32.72 -22.99
N LEU C 103 13.66 32.27 -21.84
CA LEU C 103 13.42 33.15 -20.70
C LEU C 103 14.72 33.64 -20.10
N LEU C 104 15.67 32.74 -19.90
CA LEU C 104 17.00 33.12 -19.42
C LEU C 104 17.61 34.22 -20.30
N GLU C 105 17.34 34.17 -21.60
CA GLU C 105 17.88 35.17 -22.52
C GLU C 105 17.15 36.51 -22.47
N LEU C 106 15.86 36.51 -22.14
CA LEU C 106 15.15 37.77 -21.87
C LEU C 106 15.64 38.46 -20.61
N MET C 107 15.89 37.66 -19.57
CA MET C 107 16.26 38.20 -18.26
C MET C 107 17.69 38.70 -18.26
N ASN C 108 18.58 37.92 -18.86
CA ASN C 108 19.97 38.32 -18.94
C ASN C 108 20.11 39.63 -19.69
N LYS C 109 19.38 39.79 -20.79
CA LYS C 109 19.52 40.97 -21.63
C LYS C 109 18.86 42.22 -21.05
N HIS C 110 17.92 42.05 -20.10
CA HIS C 110 17.17 43.20 -19.62
C HIS C 110 17.98 44.13 -18.77
N ASP C 111 17.52 45.38 -18.73
CA ASP C 111 18.39 46.53 -18.57
C ASP C 111 18.89 46.86 -17.15
N THR C 112 17.99 47.31 -16.27
CA THR C 112 18.40 47.83 -14.95
C THR C 112 19.12 46.79 -14.10
N GLU C 113 19.90 47.30 -13.13
CA GLU C 113 20.86 46.48 -12.36
C GLU C 113 20.24 45.32 -11.57
N MET C 114 18.91 45.30 -11.51
CA MET C 114 18.17 44.20 -10.89
C MET C 114 18.39 42.85 -11.60
N LYS C 115 18.93 42.87 -12.83
CA LYS C 115 19.20 41.64 -13.60
C LYS C 115 20.35 40.78 -13.06
N TYR C 116 21.01 41.24 -12.00
CA TYR C 116 22.04 40.45 -11.30
C TYR C 116 21.50 39.79 -10.00
N TYR C 117 20.24 39.36 -10.05
CA TYR C 117 19.70 38.37 -9.11
C TYR C 117 19.24 37.11 -9.83
N ILE C 118 19.31 37.13 -11.17
CA ILE C 118 19.02 35.97 -11.98
C ILE C 118 20.34 35.47 -12.54
N VAL C 119 20.53 34.16 -12.49
CA VAL C 119 21.78 33.54 -12.92
C VAL C 119 22.05 33.75 -14.41
N HIS C 120 23.32 33.97 -14.73
CA HIS C 120 23.73 34.29 -16.09
C HIS C 120 23.91 33.02 -16.88
N LEU C 121 23.07 32.86 -17.90
CA LEU C 121 23.25 31.82 -18.91
C LEU C 121 24.29 32.31 -19.91
N LYS C 122 25.52 31.84 -19.76
CA LYS C 122 26.62 32.29 -20.61
C LYS C 122 26.36 31.90 -22.07
N ARG C 123 26.09 30.61 -22.29
CA ARG C 123 25.76 30.09 -23.63
C ARG C 123 25.15 28.69 -23.53
N HIS C 124 24.68 28.15 -24.66
CA HIS C 124 24.09 26.82 -24.70
C HIS C 124 24.33 26.14 -26.00
N PHE C 125 24.23 24.81 -26.00
CA PHE C 125 24.51 24.02 -27.18
C PHE C 125 24.02 22.58 -27.07
N MET C 126 23.97 21.88 -28.19
CA MET C 126 23.72 20.44 -28.23
C MET C 126 25.03 19.69 -28.16
N PHE C 127 25.05 18.61 -27.39
CA PHE C 127 26.21 17.74 -27.31
C PHE C 127 25.76 16.31 -27.02
N ARG C 128 26.08 15.39 -27.91
CA ARG C 128 25.75 13.98 -27.72
C ARG C 128 24.27 13.78 -27.43
N ASN C 129 23.46 14.56 -28.16
CA ASN C 129 22.00 14.56 -28.05
C ASN C 129 21.44 15.15 -26.75
N HIS C 130 22.28 15.84 -25.97
CA HIS C 130 21.81 16.56 -24.79
C HIS C 130 21.94 18.02 -25.03
N LEU C 131 20.87 18.76 -24.78
CA LEU C 131 20.98 20.21 -24.69
C LEU C 131 21.72 20.51 -23.40
N CYS C 132 22.67 21.44 -23.49
CA CYS C 132 23.49 21.82 -22.36
C CYS C 132 23.43 23.32 -22.15
N LEU C 133 23.17 23.76 -20.92
CA LEU C 133 23.17 25.17 -20.59
C LEU C 133 24.38 25.51 -19.73
N VAL C 134 25.27 26.34 -20.26
CA VAL C 134 26.44 26.80 -19.53
C VAL C 134 26.09 28.01 -18.67
N PHE C 135 26.32 27.87 -17.36
CA PHE C 135 26.06 28.94 -16.41
C PHE C 135 27.36 29.41 -15.77
N GLU C 136 27.37 30.66 -15.32
CA GLU C 136 28.38 31.13 -14.38
C GLU C 136 28.42 30.14 -13.20
N MET C 137 29.61 29.85 -12.69
CA MET C 137 29.72 28.99 -11.50
C MET C 137 29.36 29.79 -10.26
N LEU C 138 28.54 29.19 -9.39
CA LEU C 138 28.14 29.81 -8.13
C LEU C 138 28.51 28.86 -6.99
N SER C 139 28.18 29.26 -5.75
CA SER C 139 28.50 28.46 -4.57
C SER C 139 27.29 27.67 -4.05
N TYR C 140 27.25 27.42 -2.74
CA TYR C 140 26.16 26.67 -2.07
C TYR C 140 24.76 27.13 -2.41
N ASN C 141 23.81 26.20 -2.36
CA ASN C 141 22.40 26.57 -2.36
C ASN C 141 21.92 26.57 -0.92
N LEU C 142 20.91 27.38 -0.67
CA LEU C 142 20.46 27.65 0.68
C LEU C 142 20.12 26.38 1.49
N TYR C 143 19.76 25.27 0.84
CA TYR C 143 19.59 24.03 1.58
C TYR C 143 20.92 23.54 2.08
N ASP C 144 21.87 23.42 1.17
CA ASP C 144 23.21 22.97 1.56
C ASP C 144 23.68 23.84 2.72
N LEU C 145 23.39 25.14 2.63
CA LEU C 145 23.77 26.07 3.68
C LEU C 145 23.14 25.65 5.00
N LEU C 146 21.82 25.45 4.99
CA LEU C 146 21.10 24.98 6.18
C LEU C 146 21.73 23.73 6.77
N ARG C 147 22.08 22.78 5.89
CA ARG C 147 22.61 21.50 6.34
C ARG C 147 23.99 21.64 6.96
N ASN C 148 24.78 22.57 6.45
CA ASN C 148 26.13 22.80 6.97
C ASN C 148 26.10 23.31 8.41
N THR C 149 25.02 24.01 8.77
CA THR C 149 24.78 24.42 10.16
C THR C 149 23.76 23.47 10.80
N ASN C 150 23.93 22.17 10.54
CA ASN C 150 23.13 21.13 11.18
C ASN C 150 21.66 21.46 11.44
N PHE C 151 21.05 22.20 10.51
CA PHE C 151 19.64 22.58 10.59
C PHE C 151 19.25 23.30 11.86
N ARG C 152 20.16 24.09 12.41
CA ARG C 152 19.80 24.98 13.51
C ARG C 152 19.30 26.30 12.92
N GLY C 153 19.55 26.48 11.61
CA GLY C 153 19.06 27.64 10.88
C GLY C 153 20.09 28.75 10.87
N VAL C 154 20.01 29.63 9.88
CA VAL C 154 20.87 30.81 9.85
C VAL C 154 20.28 31.91 10.72
N SER C 155 21.09 32.93 10.96
CA SER C 155 20.66 34.07 11.76
C SER C 155 19.58 34.88 11.08
N LEU C 156 18.88 35.66 11.90
CA LEU C 156 17.80 36.51 11.44
C LEU C 156 18.38 37.61 10.54
N ASN C 157 19.49 38.21 10.97
CA ASN C 157 20.14 39.24 10.17
C ASN C 157 20.34 38.72 8.76
N LEU C 158 20.85 37.50 8.67
CA LEU C 158 21.14 36.87 7.39
C LEU C 158 19.86 36.49 6.63
N THR C 159 18.88 35.96 7.35
CA THR C 159 17.58 35.66 6.76
C THR C 159 17.02 36.93 6.11
N ARG C 160 17.21 38.06 6.79
CA ARG C 160 16.80 39.37 6.26
C ARG C 160 17.54 39.69 4.97
N LYS C 161 18.85 39.49 4.97
CA LYS C 161 19.66 39.81 3.80
C LYS C 161 19.11 39.06 2.59
N PHE C 162 18.87 37.74 2.75
CA PHE C 162 18.27 36.94 1.67
C PHE C 162 16.89 37.45 1.31
N ALA C 163 16.14 37.81 2.34
CA ALA C 163 14.78 38.29 2.16
C ALA C 163 14.77 39.47 1.18
N GLN C 164 15.63 40.44 1.45
CA GLN C 164 15.66 41.68 0.68
C GLN C 164 16.08 41.43 -0.75
N GLN C 165 17.07 40.56 -0.93
CA GLN C 165 17.55 40.22 -2.27
C GLN C 165 16.40 39.60 -3.06
N MET C 166 15.83 38.52 -2.54
CA MET C 166 14.72 37.82 -3.21
C MET C 166 13.59 38.75 -3.60
N CYS C 167 13.30 39.74 -2.75
CA CYS C 167 12.21 40.65 -3.02
C CYS C 167 12.51 41.51 -4.24
N THR C 168 13.70 42.10 -4.26
CA THR C 168 14.14 42.86 -5.43
C THR C 168 14.07 41.96 -6.68
N ALA C 169 14.51 40.71 -6.52
CA ALA C 169 14.44 39.72 -7.59
C ALA C 169 13.02 39.59 -8.13
N LEU C 170 12.06 39.36 -7.24
CA LEU C 170 10.66 39.17 -7.68
C LEU C 170 10.09 40.43 -8.34
N LEU C 171 10.56 41.59 -7.91
CA LEU C 171 10.17 42.86 -8.55
C LEU C 171 10.73 42.95 -9.96
N PHE C 172 11.93 42.40 -10.16
CA PHE C 172 12.52 42.30 -11.49
C PHE C 172 11.66 41.43 -12.41
N LEU C 173 11.27 40.25 -11.92
CA LEU C 173 10.40 39.35 -12.67
C LEU C 173 9.04 39.99 -12.95
N ALA C 174 8.64 40.92 -12.07
CA ALA C 174 7.38 41.65 -12.22
C ALA C 174 7.35 42.66 -13.36
N THR C 175 8.50 43.21 -13.76
CA THR C 175 8.52 44.22 -14.83
C THR C 175 7.68 43.72 -16.01
N PRO C 176 6.75 44.55 -16.50
CA PRO C 176 5.77 44.15 -17.51
C PRO C 176 6.31 43.32 -18.69
N GLU C 177 7.48 43.71 -19.21
CA GLU C 177 8.05 43.03 -20.39
C GLU C 177 8.47 41.58 -20.11
N LEU C 178 8.67 41.24 -18.85
CA LEU C 178 9.04 39.89 -18.46
C LEU C 178 7.82 39.14 -17.95
N SER C 179 7.24 39.65 -16.86
CA SER C 179 6.09 39.04 -16.21
C SER C 179 6.31 37.53 -16.04
N ILE C 180 7.38 37.18 -15.33
CA ILE C 180 7.78 35.79 -15.21
C ILE C 180 7.39 35.20 -13.85
N ILE C 181 6.74 34.05 -13.89
CA ILE C 181 6.52 33.24 -12.71
C ILE C 181 7.56 32.14 -12.70
N HIS C 182 8.32 32.05 -11.61
CA HIS C 182 9.36 31.03 -11.49
C HIS C 182 8.74 29.66 -11.36
N CYS C 183 7.78 29.54 -10.44
CA CYS C 183 6.98 28.31 -10.23
C CYS C 183 7.72 27.16 -9.55
N ASP C 184 8.86 27.43 -8.92
CA ASP C 184 9.57 26.39 -8.17
C ASP C 184 10.61 27.02 -7.25
N LEU C 185 10.24 28.12 -6.58
CA LEU C 185 11.15 28.72 -5.63
C LEU C 185 11.24 27.79 -4.43
N LYS C 186 12.45 27.69 -3.90
CA LYS C 186 12.79 26.71 -2.87
C LYS C 186 14.30 26.81 -2.64
N PRO C 187 14.75 26.41 -1.44
CA PRO C 187 16.14 26.63 -1.04
C PRO C 187 17.18 26.06 -2.02
N GLU C 188 16.85 24.98 -2.71
CA GLU C 188 17.78 24.39 -3.66
C GLU C 188 18.02 25.28 -4.86
N ASN C 189 17.03 26.11 -5.21
CA ASN C 189 17.14 27.00 -6.36
C ASN C 189 17.60 28.43 -6.05
N ILE C 190 17.96 28.68 -4.80
CA ILE C 190 18.59 29.93 -4.42
C ILE C 190 20.05 29.62 -4.09
N LEU C 191 20.98 30.16 -4.87
CA LEU C 191 22.38 29.87 -4.64
C LEU C 191 23.19 31.09 -4.24
N LEU C 192 24.16 30.86 -3.36
CA LEU C 192 25.16 31.86 -3.01
C LEU C 192 26.13 32.06 -4.17
N CYS C 193 26.45 33.32 -4.46
CA CYS C 193 27.51 33.64 -5.43
C CYS C 193 28.87 33.30 -4.87
N ASN C 194 29.01 33.38 -3.55
CA ASN C 194 30.28 33.18 -2.90
C ASN C 194 30.11 32.59 -1.50
N PRO C 195 30.90 31.54 -1.18
CA PRO C 195 30.69 30.69 -0.01
C PRO C 195 30.90 31.38 1.32
N LYS C 196 31.79 32.36 1.37
CA LYS C 196 32.01 33.13 2.58
C LYS C 196 31.22 34.44 2.54
N ARG C 197 30.23 34.55 1.67
CA ARG C 197 29.48 35.79 1.52
C ARG C 197 27.96 35.57 1.65
N SEP C 198 27.19 36.59 1.31
CA SEP C 198 25.75 36.64 1.54
CB SEP C 198 25.58 37.63 2.70
OG SEP C 198 26.42 38.79 2.51
C SEP C 198 25.00 37.07 0.29
O SEP C 198 23.78 37.25 0.34
P SEP C 198 27.54 39.43 3.55
O1P SEP C 198 28.47 38.30 3.91
O2P SEP C 198 28.26 40.53 2.79
O3P SEP C 198 26.68 39.92 4.71
N ALA C 199 25.70 37.22 -0.85
CA ALA C 199 25.09 37.61 -2.12
C ALA C 199 24.66 36.37 -2.90
N ILE C 200 23.48 36.44 -3.51
CA ILE C 200 22.81 35.26 -4.06
C ILE C 200 22.08 35.51 -5.38
N LYS C 201 21.78 34.42 -6.09
CA LYS C 201 21.03 34.47 -7.35
C LYS C 201 20.09 33.28 -7.48
N ILE C 202 18.98 33.48 -8.21
CA ILE C 202 17.98 32.44 -8.42
C ILE C 202 18.37 31.57 -9.61
N VAL C 203 18.01 30.29 -9.57
CA VAL C 203 18.31 29.36 -10.68
C VAL C 203 17.13 28.46 -11.01
N ASP C 204 17.27 27.73 -12.12
CA ASP C 204 16.31 26.71 -12.56
C ASP C 204 14.99 27.36 -12.93
N PHE C 205 14.85 27.69 -14.20
CA PHE C 205 13.60 28.25 -14.70
C PHE C 205 12.87 27.22 -15.53
N GLY C 206 13.16 25.95 -15.26
CA GLY C 206 12.58 24.84 -16.01
C GLY C 206 11.06 24.82 -15.96
N SER C 207 10.48 25.19 -14.83
CA SER C 207 9.04 25.15 -14.66
C SER C 207 8.42 26.49 -15.03
N SER C 208 9.26 27.50 -15.21
CA SER C 208 8.80 28.87 -15.29
C SER C 208 8.00 29.14 -16.54
N CYS C 209 7.30 30.28 -16.52
CA CYS C 209 6.46 30.69 -17.62
C CYS C 209 6.07 32.15 -17.43
N GLN C 210 5.65 32.77 -18.51
CA GLN C 210 5.16 34.14 -18.45
C GLN C 210 3.67 34.14 -18.17
N LEU C 211 3.19 35.24 -17.60
CA LEU C 211 1.77 35.41 -17.31
C LEU C 211 0.96 35.22 -18.60
N GLY C 212 -0.22 34.66 -18.47
CA GLY C 212 -1.03 34.29 -19.63
C GLY C 212 -0.60 32.96 -20.22
N GLN C 213 0.68 32.87 -20.62
CA GLN C 213 1.25 31.64 -21.19
C GLN C 213 1.45 30.52 -20.15
N ARG C 214 0.44 30.27 -19.32
CA ARG C 214 0.50 29.25 -18.29
C ARG C 214 0.05 27.92 -18.85
N ILE C 215 0.92 26.91 -18.79
CA ILE C 215 0.64 25.62 -19.42
C ILE C 215 0.77 24.40 -18.50
N TYR C 216 0.78 24.59 -17.18
CA TYR C 216 0.80 23.47 -16.22
C TYR C 216 -0.02 23.79 -14.96
N GLN C 217 -0.67 22.77 -14.39
CA GLN C 217 -1.50 22.92 -13.18
C GLN C 217 -0.88 22.32 -11.90
N PTR C 218 0.09 21.42 -12.08
CA PTR C 218 0.81 20.78 -10.97
C PTR C 218 2.18 21.37 -10.96
O PTR C 218 3.11 20.83 -11.57
CB PTR C 218 0.93 19.28 -11.24
CG PTR C 218 1.44 18.41 -10.11
CD1 PTR C 218 0.60 18.17 -9.03
CD2 PTR C 218 2.70 17.81 -10.15
CE1 PTR C 218 1.02 17.35 -7.97
CE2 PTR C 218 3.13 16.98 -9.10
CZ PTR C 218 2.29 16.76 -8.00
OH PTR C 218 2.63 15.93 -6.96
P PTR C 218 3.69 16.26 -5.80
O1P PTR C 218 4.37 14.92 -5.62
O2P PTR C 218 4.59 17.32 -6.39
O3P PTR C 218 2.84 16.74 -4.63
N ILE C 219 2.32 22.51 -10.30
CA ILE C 219 3.59 23.21 -10.25
C ILE C 219 3.98 23.48 -8.80
N GLN C 220 5.22 23.92 -8.61
CA GLN C 220 5.78 24.25 -7.29
C GLN C 220 6.07 22.95 -6.50
N SER C 221 7.25 22.89 -5.89
CA SER C 221 7.56 21.81 -4.95
C SER C 221 6.55 21.83 -3.80
N ARG C 222 6.09 20.65 -3.38
CA ARG C 222 4.92 20.57 -2.49
C ARG C 222 4.97 21.47 -1.26
N PHE C 223 6.08 21.46 -0.53
CA PHE C 223 6.21 22.28 0.69
C PHE C 223 6.00 23.78 0.42
N TYR C 224 6.44 24.18 -0.77
CA TYR C 224 6.49 25.58 -1.17
C TYR C 224 5.35 25.91 -2.13
N ARG C 225 4.41 24.98 -2.27
CA ARG C 225 3.26 25.17 -3.14
C ARG C 225 2.25 26.08 -2.48
N SER C 226 1.66 26.95 -3.29
CA SER C 226 0.70 27.94 -2.82
C SER C 226 -0.67 27.30 -2.68
N PRO C 227 -1.58 27.98 -1.99
CA PRO C 227 -2.91 27.43 -1.84
C PRO C 227 -3.68 27.48 -3.15
N GLU C 228 -3.49 28.54 -3.92
CA GLU C 228 -4.24 28.69 -5.15
C GLU C 228 -3.96 27.54 -6.09
N VAL C 229 -2.70 27.10 -6.13
CA VAL C 229 -2.29 25.97 -6.97
C VAL C 229 -2.91 24.68 -6.45
N LEU C 230 -2.76 24.43 -5.15
CA LEU C 230 -3.38 23.27 -4.48
C LEU C 230 -4.87 23.17 -4.76
N LEU C 231 -5.55 24.32 -4.68
CA LEU C 231 -7.00 24.42 -4.88
C LEU C 231 -7.40 24.29 -6.35
N GLY C 232 -6.41 24.24 -7.24
CA GLY C 232 -6.67 24.09 -8.66
C GLY C 232 -7.23 25.34 -9.27
N MET C 233 -6.92 26.48 -8.66
CA MET C 233 -7.32 27.78 -9.17
C MET C 233 -6.28 28.29 -10.15
N PRO C 234 -6.62 29.33 -10.93
CA PRO C 234 -5.60 29.95 -11.78
C PRO C 234 -4.69 30.84 -10.94
N TYR C 235 -3.46 31.04 -11.41
CA TYR C 235 -2.40 31.59 -10.58
C TYR C 235 -1.58 32.63 -11.33
N ASP C 236 -0.89 33.48 -10.58
CA ASP C 236 -0.06 34.53 -11.17
C ASP C 236 1.26 34.67 -10.41
N LEU C 237 1.92 35.82 -10.54
CA LEU C 237 3.21 36.05 -9.87
C LEU C 237 3.12 35.89 -8.35
N ALA C 238 1.93 36.02 -7.80
CA ALA C 238 1.73 35.88 -6.36
C ALA C 238 2.24 34.55 -5.78
N ILE C 239 2.21 33.48 -6.56
CA ILE C 239 2.57 32.16 -6.02
C ILE C 239 4.03 32.07 -5.60
N ASP C 240 4.91 32.81 -6.27
CA ASP C 240 6.32 32.84 -5.87
C ASP C 240 6.51 33.49 -4.49
N MET C 241 5.76 34.57 -4.23
CA MET C 241 5.84 35.26 -2.94
C MET C 241 5.50 34.28 -1.81
N TRP C 242 4.46 33.47 -2.03
CA TRP C 242 4.11 32.42 -1.10
C TRP C 242 5.28 31.54 -0.81
N SER C 243 5.89 31.01 -1.86
CA SER C 243 7.02 30.10 -1.70
C SER C 243 8.11 30.79 -0.88
N LEU C 244 8.38 32.06 -1.20
CA LEU C 244 9.38 32.85 -0.48
C LEU C 244 9.07 32.97 1.03
N GLY C 245 7.80 33.10 1.36
CA GLY C 245 7.41 33.10 2.76
C GLY C 245 7.94 31.84 3.42
N CYS C 246 7.58 30.68 2.86
CA CYS C 246 7.92 29.39 3.43
C CYS C 246 9.43 29.19 3.46
N ILE C 247 10.13 29.79 2.50
CA ILE C 247 11.57 29.64 2.42
C ILE C 247 12.22 30.38 3.56
N LEU C 248 11.91 31.67 3.67
CA LEU C 248 12.50 32.51 4.69
C LEU C 248 12.34 31.89 6.08
N VAL C 249 11.13 31.45 6.41
CA VAL C 249 10.88 30.85 7.72
C VAL C 249 11.80 29.65 7.90
N GLU C 250 11.80 28.78 6.91
CA GLU C 250 12.62 27.58 6.95
C GLU C 250 14.08 27.93 7.17
N MET C 251 14.54 28.94 6.45
CA MET C 251 15.93 29.35 6.51
C MET C 251 16.34 29.72 7.93
N HIS C 252 15.41 30.26 8.71
CA HIS C 252 15.73 30.64 10.08
C HIS C 252 15.45 29.56 11.07
N THR C 253 14.39 28.78 10.81
CA THR C 253 13.94 27.75 11.75
C THR C 253 14.74 26.47 11.58
N GLY C 254 15.31 26.28 10.39
CA GLY C 254 16.12 25.11 10.09
C GLY C 254 15.33 23.95 9.51
N GLU C 255 14.08 24.21 9.13
CA GLU C 255 13.11 23.14 8.96
C GLU C 255 11.87 23.72 8.29
N PRO C 256 11.29 23.01 7.32
CA PRO C 256 10.30 23.61 6.45
C PRO C 256 9.01 23.85 7.20
N LEU C 257 8.25 24.83 6.75
CA LEU C 257 7.15 25.33 7.59
C LEU C 257 5.92 24.50 7.35
N PHE C 258 5.69 24.11 6.11
CA PHE C 258 4.55 23.28 5.76
C PHE C 258 5.08 22.05 5.08
N SER C 259 5.33 21.02 5.87
CA SER C 259 6.04 19.84 5.36
C SER C 259 5.12 18.72 4.88
N GLY C 260 4.19 19.04 3.98
CA GLY C 260 3.20 18.05 3.54
C GLY C 260 3.78 16.83 2.84
N ALA C 261 3.26 15.65 3.18
CA ALA C 261 3.66 14.39 2.53
C ALA C 261 2.88 14.22 1.25
N ASN C 262 1.76 14.92 1.14
CA ASN C 262 0.93 14.90 -0.06
C ASN C 262 -0.02 16.10 -0.03
N GLU C 263 -0.73 16.33 -1.15
CA GLU C 263 -1.54 17.54 -1.27
C GLU C 263 -2.47 17.71 -0.06
N VAL C 264 -3.26 16.68 0.25
CA VAL C 264 -4.16 16.75 1.42
C VAL C 264 -3.41 17.08 2.70
N ASP C 265 -2.30 16.38 2.95
CA ASP C 265 -1.50 16.66 4.15
C ASP C 265 -1.01 18.11 4.11
N GLN C 266 -0.50 18.53 2.96
CA GLN C 266 0.02 19.88 2.77
C GLN C 266 -1.05 20.92 3.11
N MET C 267 -2.25 20.72 2.59
CA MET C 267 -3.32 21.70 2.82
C MET C 267 -3.64 21.75 4.29
N ASN C 268 -3.77 20.59 4.95
CA ASN C 268 -4.05 20.58 6.38
C ASN C 268 -3.01 21.26 7.24
N LYS C 269 -1.74 21.16 6.83
CA LYS C 269 -0.64 21.76 7.58
C LYS C 269 -0.66 23.28 7.41
N ILE C 270 -1.08 23.73 6.24
CA ILE C 270 -1.33 25.15 6.05
C ILE C 270 -2.48 25.60 6.93
N VAL C 271 -3.55 24.81 6.98
CA VAL C 271 -4.71 25.18 7.78
C VAL C 271 -4.34 25.24 9.26
N GLU C 272 -3.40 24.40 9.68
CA GLU C 272 -2.95 24.39 11.07
C GLU C 272 -2.49 25.75 11.52
N VAL C 273 -1.72 26.40 10.66
CA VAL C 273 -1.14 27.68 10.97
C VAL C 273 -2.05 28.84 10.59
N LEU C 274 -2.78 28.74 9.49
CA LEU C 274 -3.48 29.91 8.94
C LEU C 274 -5.00 29.81 8.94
N GLY C 275 -5.52 28.65 9.34
CA GLY C 275 -6.97 28.46 9.45
C GLY C 275 -7.59 28.03 8.14
N ILE C 276 -8.92 27.88 8.17
CA ILE C 276 -9.67 27.60 6.96
C ILE C 276 -9.52 28.82 6.06
N PRO C 277 -9.39 28.60 4.74
CA PRO C 277 -9.28 29.77 3.90
C PRO C 277 -10.63 30.45 3.74
N PRO C 278 -10.64 31.62 3.09
CA PRO C 278 -11.86 32.40 3.04
C PRO C 278 -12.96 31.83 2.15
N ALA C 279 -14.21 32.11 2.53
CA ALA C 279 -15.39 31.78 1.74
C ALA C 279 -15.21 32.10 0.26
N HIS C 280 -14.88 33.36 -0.04
CA HIS C 280 -14.85 33.83 -1.43
C HIS C 280 -13.82 33.14 -2.28
N ILE C 281 -12.82 32.52 -1.65
CA ILE C 281 -11.83 31.75 -2.40
C ILE C 281 -12.33 30.30 -2.62
N LEU C 282 -12.64 29.61 -1.53
CA LEU C 282 -13.12 28.23 -1.62
C LEU C 282 -14.39 28.11 -2.46
N ASP C 283 -15.25 29.13 -2.43
CA ASP C 283 -16.41 29.20 -3.33
C ASP C 283 -16.02 29.09 -4.80
N GLN C 284 -14.85 29.62 -5.16
CA GLN C 284 -14.40 29.67 -6.55
C GLN C 284 -13.37 28.60 -6.88
N ALA C 285 -13.04 27.76 -5.91
CA ALA C 285 -11.94 26.82 -6.05
C ALA C 285 -12.44 25.46 -6.53
N PRO C 286 -12.01 25.02 -7.73
CA PRO C 286 -12.45 23.72 -8.24
C PRO C 286 -12.17 22.57 -7.29
N LYS C 287 -10.95 22.49 -6.78
CA LYS C 287 -10.57 21.38 -5.90
C LYS C 287 -10.89 21.63 -4.41
N ALA C 288 -11.65 22.68 -4.12
CA ALA C 288 -12.04 22.98 -2.74
C ALA C 288 -12.61 21.77 -1.99
N ARG C 289 -13.27 20.85 -2.70
CA ARG C 289 -13.88 19.68 -2.05
C ARG C 289 -12.94 18.50 -1.82
N LYS C 290 -11.69 18.64 -2.25
CA LYS C 290 -10.64 17.67 -1.93
C LYS C 290 -10.27 17.78 -0.45
N PHE C 291 -10.33 19.00 0.06
CA PHE C 291 -9.85 19.30 1.39
C PHE C 291 -10.94 19.74 2.37
N PHE C 292 -11.98 20.41 1.86
CA PHE C 292 -12.98 21.05 2.70
C PHE C 292 -14.39 20.60 2.34
N GLU C 293 -15.34 21.01 3.16
CA GLU C 293 -16.74 20.88 2.80
C GLU C 293 -17.51 22.11 3.24
N LYS C 294 -18.59 22.39 2.49
CA LYS C 294 -19.42 23.56 2.71
C LYS C 294 -20.62 23.13 3.53
N LEU C 295 -20.78 23.72 4.70
CA LEU C 295 -21.91 23.43 5.59
C LEU C 295 -23.17 24.12 5.04
N PRO C 296 -24.37 23.69 5.48
CA PRO C 296 -25.61 24.31 5.01
C PRO C 296 -25.55 25.84 4.94
N ASP C 297 -25.05 26.43 6.02
CA ASP C 297 -24.99 27.89 6.20
C ASP C 297 -23.92 28.63 5.37
N GLY C 298 -23.30 27.96 4.40
CA GLY C 298 -22.36 28.61 3.49
C GLY C 298 -20.94 28.77 4.03
N THR C 299 -20.70 28.35 5.27
CA THR C 299 -19.37 28.42 5.88
C THR C 299 -18.64 27.10 5.62
N TRP C 300 -17.30 27.15 5.58
CA TRP C 300 -16.49 25.99 5.24
C TRP C 300 -15.74 25.42 6.42
N ASN C 301 -15.78 24.09 6.58
CA ASN C 301 -14.92 23.37 7.53
C ASN C 301 -13.92 22.53 6.76
N LEU C 302 -13.05 21.84 7.48
CA LEU C 302 -12.25 20.75 6.90
C LEU C 302 -13.14 19.53 6.73
N LYS C 303 -12.88 18.72 5.71
CA LYS C 303 -13.63 17.47 5.50
C LYS C 303 -13.69 16.62 6.75
N LYS C 304 -14.85 16.02 7.01
CA LYS C 304 -15.01 15.14 8.17
C LYS C 304 -14.03 13.96 8.07
N THR C 305 -13.55 13.48 9.22
CA THR C 305 -12.48 12.49 9.28
C THR C 305 -12.87 11.22 10.02
N LYS C 306 -12.33 10.10 9.56
CA LYS C 306 -12.71 8.76 10.02
C LYS C 306 -12.90 8.68 11.54
N ASP C 307 -13.92 7.90 11.92
CA ASP C 307 -14.37 7.78 13.33
C ASP C 307 -13.22 7.63 14.32
N GLY C 308 -12.87 8.72 15.00
CA GLY C 308 -11.88 8.68 16.06
C GLY C 308 -10.50 9.24 15.71
N LYS C 309 -10.15 9.30 14.42
CA LYS C 309 -8.83 9.76 14.00
C LYS C 309 -8.59 11.25 14.29
N ARG C 310 -7.58 11.54 15.10
CA ARG C 310 -7.04 12.88 15.29
C ARG C 310 -5.63 12.94 14.76
N GLU C 311 -5.37 13.83 13.82
CA GLU C 311 -4.01 13.94 13.29
C GLU C 311 -3.47 15.35 13.22
N TYR C 312 -4.32 16.37 13.14
CA TYR C 312 -3.84 17.76 13.05
C TYR C 312 -4.23 18.64 14.25
N LYS C 313 -3.53 19.74 14.39
CA LYS C 313 -3.93 20.67 15.40
C LYS C 313 -5.13 21.39 14.82
N PRO C 314 -6.00 21.88 15.70
CA PRO C 314 -7.14 22.63 15.21
C PRO C 314 -6.72 23.86 14.41
N PRO C 315 -7.49 24.19 13.37
CA PRO C 315 -7.21 25.30 12.49
C PRO C 315 -6.74 26.57 13.20
N GLY C 316 -5.54 27.05 12.86
CA GLY C 316 -5.03 28.33 13.39
C GLY C 316 -4.41 28.24 14.77
N THR C 317 -4.37 27.04 15.35
CA THR C 317 -3.82 26.82 16.69
C THR C 317 -2.37 26.36 16.64
N ARG C 318 -1.70 26.64 15.53
CA ARG C 318 -0.28 26.48 15.47
C ARG C 318 0.28 27.83 15.05
N LYS C 319 0.30 28.75 16.01
CA LYS C 319 0.51 30.14 15.70
C LYS C 319 1.95 30.32 15.29
N LEU C 320 2.18 30.94 14.15
CA LEU C 320 3.53 31.20 13.63
C LEU C 320 4.38 31.84 14.75
N HIS C 321 3.72 32.71 15.50
CA HIS C 321 4.30 33.38 16.67
C HIS C 321 5.11 32.49 17.57
N ASN C 322 4.75 31.22 17.70
CA ASN C 322 5.57 30.30 18.49
C ASN C 322 6.52 29.45 17.67
N ILE C 323 6.16 29.07 16.44
CA ILE C 323 7.11 28.34 15.60
C ILE C 323 8.37 29.18 15.52
N LEU C 324 8.19 30.49 15.33
CA LEU C 324 9.31 31.43 15.28
C LEU C 324 9.95 31.67 16.65
N GLY C 325 9.19 31.46 17.72
CA GLY C 325 9.71 31.67 19.06
C GLY C 325 9.93 33.13 19.41
N VAL C 326 9.05 34.00 18.90
CA VAL C 326 9.12 35.45 19.04
C VAL C 326 9.46 35.88 20.45
N GLU C 327 8.70 35.37 21.41
CA GLU C 327 8.87 35.81 22.81
C GLU C 327 9.67 34.78 23.64
N THR C 328 10.18 33.73 23.00
CA THR C 328 10.86 32.66 23.74
C THR C 328 12.25 32.35 23.22
N GLY C 329 12.95 33.35 22.74
CA GLY C 329 14.34 33.19 22.32
C GLY C 329 14.51 32.58 20.94
N GLY C 330 13.53 32.84 20.07
CA GLY C 330 13.59 32.36 18.71
C GLY C 330 13.36 30.86 18.59
N PRO C 331 13.46 30.33 17.36
CA PRO C 331 13.13 28.94 17.10
C PRO C 331 13.83 27.99 18.06
N GLY C 332 13.04 27.25 18.83
CA GLY C 332 13.57 26.27 19.79
C GLY C 332 14.31 26.93 20.92
N GLY C 333 14.10 28.22 21.11
CA GLY C 333 14.87 29.01 22.05
C GLY C 333 16.36 29.06 21.76
N ARG C 334 16.73 28.75 20.52
CA ARG C 334 18.15 28.61 20.16
C ARG C 334 18.83 29.96 19.93
N ARG C 335 18.06 31.05 19.94
CA ARG C 335 18.64 32.39 19.87
C ARG C 335 18.63 33.09 21.22
N ALA C 336 18.29 32.36 22.27
CA ALA C 336 18.21 32.93 23.60
C ALA C 336 19.47 33.74 23.90
N GLY C 337 19.29 35.04 24.19
CA GLY C 337 20.38 35.96 24.47
C GLY C 337 21.42 36.10 23.36
N GLU C 338 20.97 36.46 22.16
CA GLU C 338 21.87 36.78 21.06
C GLU C 338 21.64 38.19 20.56
N SER C 339 22.71 38.84 20.14
CA SER C 339 22.63 40.08 19.40
C SER C 339 21.77 39.86 18.15
N GLY C 340 20.99 40.89 17.79
CA GLY C 340 20.28 40.91 16.51
C GLY C 340 19.07 40.02 16.39
N HIS C 341 18.60 39.51 17.52
CA HIS C 341 17.40 38.66 17.57
C HIS C 341 16.52 39.15 18.68
N THR C 342 16.13 40.41 18.56
CA THR C 342 15.27 41.05 19.54
C THR C 342 13.82 40.65 19.27
N VAL C 343 13.00 40.71 20.31
CA VAL C 343 11.56 40.44 20.19
C VAL C 343 10.92 41.43 19.23
N ALA C 344 11.23 42.71 19.41
CA ALA C 344 10.81 43.75 18.49
C ALA C 344 11.08 43.33 17.03
N ASP C 345 12.28 42.78 16.77
CA ASP C 345 12.68 42.31 15.42
C ASP C 345 11.83 41.16 14.92
N TYR C 346 11.72 40.11 15.73
CA TYR C 346 10.90 38.95 15.41
C TYR C 346 9.47 39.34 15.05
N LEU C 347 8.91 40.27 15.81
CA LEU C 347 7.59 40.81 15.49
C LEU C 347 7.54 41.38 14.08
N LYS C 348 8.49 42.25 13.76
CA LYS C 348 8.58 42.82 12.42
C LYS C 348 8.62 41.72 11.38
N PHE C 349 9.37 40.66 11.68
CA PHE C 349 9.52 39.54 10.77
C PHE C 349 8.20 38.80 10.58
N LYS C 350 7.63 38.31 11.69
CA LYS C 350 6.34 37.62 11.69
C LYS C 350 5.34 38.30 10.75
N ASP C 351 5.26 39.62 10.84
CA ASP C 351 4.28 40.39 10.07
C ASP C 351 4.53 40.28 8.58
N LEU C 352 5.78 40.41 8.18
CA LEU C 352 6.12 40.31 6.76
C LEU C 352 5.66 38.96 6.22
N ILE C 353 6.20 37.89 6.79
CA ILE C 353 5.82 36.52 6.42
C ILE C 353 4.31 36.38 6.32
N LEU C 354 3.59 36.84 7.33
CA LEU C 354 2.15 36.68 7.33
C LEU C 354 1.46 37.31 6.13
N ARG C 355 2.00 38.44 5.66
CA ARG C 355 1.49 39.05 4.42
C ARG C 355 2.02 38.35 3.15
N MET C 356 3.12 37.62 3.26
CA MET C 356 3.54 36.75 2.17
C MET C 356 2.64 35.52 2.10
N LEU C 357 2.07 35.11 3.24
CA LEU C 357 1.23 33.91 3.31
C LEU C 357 -0.27 34.22 3.32
N ASP C 358 -0.65 35.35 2.73
CA ASP C 358 -2.05 35.72 2.56
C ASP C 358 -2.70 34.67 1.64
N TYR C 359 -3.81 34.08 2.09
CA TYR C 359 -4.55 33.13 1.25
C TYR C 359 -4.99 33.73 -0.08
N ASP C 360 -5.29 35.03 -0.06
CA ASP C 360 -5.84 35.72 -1.22
C ASP C 360 -4.72 36.35 -2.05
N PRO C 361 -4.47 35.83 -3.26
CA PRO C 361 -3.37 36.29 -4.11
C PRO C 361 -3.55 37.73 -4.62
N LYS C 362 -4.79 38.19 -4.68
CA LYS C 362 -5.08 39.58 -5.03
C LYS C 362 -4.61 40.56 -3.96
N THR C 363 -4.53 40.12 -2.70
CA THR C 363 -4.12 40.98 -1.58
C THR C 363 -2.82 40.55 -0.90
N ARG C 364 -2.15 39.54 -1.45
CA ARG C 364 -0.85 39.09 -0.91
C ARG C 364 0.24 40.09 -1.26
N ILE C 365 1.10 40.35 -0.29
CA ILE C 365 2.07 41.43 -0.39
C ILE C 365 2.85 41.30 -1.68
N GLN C 366 3.00 42.42 -2.37
CA GLN C 366 3.74 42.50 -3.62
C GLN C 366 5.11 43.11 -3.36
N PRO C 367 6.09 42.78 -4.23
CA PRO C 367 7.49 43.10 -3.95
C PRO C 367 7.76 44.56 -3.67
N TYR C 368 7.19 45.45 -4.48
CA TYR C 368 7.34 46.89 -4.29
C TYR C 368 7.09 47.33 -2.85
N TYR C 369 6.10 46.71 -2.22
CA TYR C 369 5.68 47.07 -0.87
C TYR C 369 6.41 46.26 0.18
N ALA C 370 6.67 45.00 -0.13
CA ALA C 370 7.52 44.15 0.71
C ALA C 370 8.84 44.85 1.04
N LEU C 371 9.45 45.47 0.03
CA LEU C 371 10.73 46.16 0.21
C LEU C 371 10.62 47.39 1.11
N GLN C 372 9.42 47.98 1.18
CA GLN C 372 9.18 49.13 2.06
C GLN C 372 8.50 48.72 3.36
N HIS C 373 8.95 47.61 3.93
CA HIS C 373 8.37 47.07 5.16
C HIS C 373 9.34 47.31 6.27
N SER C 374 8.82 47.35 7.50
CA SER C 374 9.61 47.76 8.68
C SER C 374 10.75 46.81 9.01
N PHE C 375 10.63 45.58 8.55
CA PHE C 375 11.65 44.56 8.74
C PHE C 375 12.94 44.88 7.98
N PHE C 376 12.88 45.81 7.03
CA PHE C 376 14.06 46.23 6.26
C PHE C 376 14.53 47.65 6.61
N LYS C 377 13.85 48.32 7.53
CA LYS C 377 14.17 49.72 7.82
C LYS C 377 15.44 49.88 8.67
N LYS C 378 16.52 50.37 8.05
CA LYS C 378 17.78 50.64 8.75
C LYS C 378 17.69 51.94 9.53
N UNK D 1 8.59 -13.12 -21.98
CA UNK D 1 9.20 -12.89 -20.65
C UNK D 1 8.14 -12.78 -19.53
N SEP D 2 8.55 -13.03 -18.29
CA SEP D 2 7.69 -12.88 -17.10
CB SEP D 2 7.88 -14.13 -16.23
OG SEP D 2 8.89 -13.83 -15.29
C SEP D 2 8.05 -11.60 -16.36
O SEP D 2 8.89 -10.83 -16.84
P SEP D 2 10.07 -14.84 -14.95
O1P SEP D 2 10.83 -14.07 -13.91
O2P SEP D 2 9.29 -16.03 -14.46
O3P SEP D 2 10.88 -15.04 -16.22
N UNK D 3 7.42 -11.36 -15.21
CA UNK D 3 7.59 -10.09 -14.45
C UNK D 3 8.42 -10.20 -13.16
N UNK D 4 9.72 -9.86 -13.25
CA UNK D 4 10.62 -9.69 -12.09
C UNK D 4 12.06 -9.94 -12.51
N UNK E 1 2.11 8.24 -3.47
CA UNK E 1 1.06 9.13 -4.03
C UNK E 1 -0.35 8.79 -3.49
N SEP E 2 -1.26 9.76 -3.57
CA SEP E 2 -2.69 9.57 -3.18
CB SEP E 2 -3.07 10.77 -2.32
OG SEP E 2 -3.61 11.76 -3.18
C SEP E 2 -3.54 9.44 -4.44
O SEP E 2 -3.02 9.44 -5.55
P SEP E 2 -3.27 13.33 -3.06
O1P SEP E 2 -4.17 13.90 -4.13
O2P SEP E 2 -3.65 13.59 -1.62
O3P SEP E 2 -1.79 13.52 -3.36
N UNK E 3 -4.87 9.36 -4.27
CA UNK E 3 -5.80 9.10 -5.39
C UNK E 3 -6.66 10.32 -5.80
N UNK E 4 -6.21 11.03 -6.84
CA UNK E 4 -6.97 12.11 -7.48
C UNK E 4 -6.00 13.09 -8.15
N UNK F 1 -4.16 7.51 2.97
CA UNK F 1 -3.49 6.18 3.09
C UNK F 1 -2.75 5.81 1.79
N SEP F 2 -1.77 4.91 1.92
CA SEP F 2 -1.03 4.37 0.76
CB SEP F 2 0.45 4.43 1.12
OG SEP F 2 0.78 3.21 1.72
C SEP F 2 -1.50 2.95 0.47
O SEP F 2 -2.44 2.47 1.13
P SEP F 2 1.68 3.12 3.03
O1P SEP F 2 1.76 1.63 3.20
O2P SEP F 2 2.92 3.84 2.58
O3P SEP F 2 0.94 3.78 4.16
N UNK F 3 -0.88 2.26 -0.49
CA UNK F 3 -1.33 0.93 -0.96
C UNK F 3 -0.44 -0.25 -0.53
N UNK F 4 -0.84 -0.92 0.56
CA UNK F 4 -0.21 -2.17 1.05
C UNK F 4 -0.44 -2.32 2.55
CAA 3RA G . -12.95 -31.32 -6.42
CAB 3RA G . -11.90 -31.93 -5.76
CAC 3RA G . -10.61 -31.98 -6.28
CAD 3RA G . -10.39 -31.42 -7.51
CAE 3RA G . -11.44 -30.80 -8.19
CAF 3RA G . -12.72 -30.75 -7.65
NAG 3RA G . -13.70 -30.13 -8.32
CAH 3RA G . -14.92 -30.62 -8.41
NAI 3RA G . -15.39 -31.69 -7.77
CAJ 3RA G . -16.66 -31.86 -8.17
CAK 3RA G . -16.92 -30.84 -9.06
NAL 3RA G . -15.83 -30.10 -9.19
OAM 3RA G . -17.98 -30.64 -9.63
CAN 3RA G . -17.66 -32.78 -7.85
CAO 3RA G . -17.52 -33.88 -6.98
CAP 3RA G . -16.40 -34.08 -6.18
CAQ 3RA G . -16.33 -35.19 -5.36
CAR 3RA G . -17.38 -36.09 -5.33
CAS 3RA G . -18.50 -35.90 -6.10
CAT 3RA G . -18.58 -34.78 -6.92
OAU 3RA G . -15.35 -35.61 -4.52
CAV 3RA G . -15.62 -37.01 -4.36
OAW 3RA G . -17.07 -37.08 -4.45
CAA 3RA H . -12.08 8.22 25.18
CAB 3RA H . -11.89 9.61 25.27
CAC 3RA H . -12.38 10.43 24.25
CAD 3RA H . -13.05 9.88 23.17
CAE 3RA H . -13.23 8.50 23.09
CAF 3RA H . -12.76 7.65 24.11
NAG 3RA H . -12.94 6.31 23.98
CAH 3RA H . -12.98 5.45 24.99
NAI 3RA H . -13.33 5.76 26.23
CAJ 3RA H . -13.25 4.65 27.00
CAK 3RA H . -12.86 3.61 26.16
NAL 3RA H . -12.69 4.13 24.93
OAM 3RA H . -12.69 2.43 26.52
CAN 3RA H . -13.52 4.41 28.35
CAO 3RA H . -13.87 5.44 29.25
CAP 3RA H . -14.14 6.73 28.82
CAQ 3RA H . -14.47 7.70 29.74
CAR 3RA H . -14.55 7.40 31.08
CAS 3RA H . -14.30 6.12 31.53
CAT 3RA H . -13.98 5.14 30.61
OAU 3RA H . -14.75 9.02 29.56
CAV 3RA H . -14.45 9.56 30.85
OAW 3RA H . -14.88 8.52 31.74
CAA 3RA I . 21.52 22.46 -8.80
CAB 3RA I . 22.25 22.11 -7.65
CAC 3RA I . 21.66 21.40 -6.62
CAD 3RA I . 20.32 21.05 -6.74
CAE 3RA I . 19.58 21.40 -7.88
CAF 3RA I . 20.17 22.11 -8.93
NAG 3RA I . 19.45 22.44 -10.02
CAH 3RA I . 19.79 23.42 -10.87
NAI 3RA I . 20.97 24.08 -10.88
CAJ 3RA I . 20.95 25.00 -11.85
CAK 3RA I . 19.68 24.87 -12.45
NAL 3RA I . 18.99 23.90 -11.83
OAM 3RA I . 19.24 25.53 -13.40
CAN 3RA I . 21.90 25.94 -12.27
CAO 3RA I . 23.14 26.13 -11.59
CAP 3RA I . 23.50 25.43 -10.44
CAQ 3RA I . 24.74 25.64 -9.80
CAR 3RA I . 25.61 26.59 -10.32
CAS 3RA I . 25.26 27.29 -11.46
CAT 3RA I . 24.04 27.06 -12.09
OAU 3RA I . 25.29 25.07 -8.67
CAV 3RA I . 26.64 25.55 -8.58
OAW 3RA I . 26.74 26.64 -9.55
#